data_4RQX
#
_entry.id   4RQX
#
_cell.length_a   108.004
_cell.length_b   139.684
_cell.length_c   96.191
_cell.angle_alpha   90.00
_cell.angle_beta   103.17
_cell.angle_gamma   90.00
#
_symmetry.space_group_name_H-M   'C 1 2 1'
#
loop_
_entity.id
_entity.type
_entity.pdbx_description
1 polymer Peroxiredoxin-4
2 non-polymer '1-THIOETHANESULFONIC ACID'
3 water water
#
_entity_poly.entity_id   1
_entity_poly.type   'polypeptide(L)'
_entity_poly.pdbx_seq_one_letter_code
;MGSSHHHHHHSSGLVPRGSHMTTENLYFQGAGTAKISKPAPYWEGTAVIDGEFKELKLTDYRGKYLVFFFYPLDFTFVCP
TEIIAFGDRLEEFRSINTEVVACSVDSQFTHLAWINTPRRQGGLGPIRIPLLSDLTHQISKDYGVYLEDSGHTLRGLFII
DDKGILRQITLNDLPVGRSVDETLRLVQAFQYTDKHGEVCPAGWKPGSETIIPDPAGKLKYFDKLN
;
_entity_poly.pdbx_strand_id   A,B,C,D,E
#
loop_
_chem_comp.id
_chem_comp.type
_chem_comp.name
_chem_comp.formula
COM non-polymer '1-THIOETHANESULFONIC ACID' 'C2 H6 O3 S2'
#
# COMPACT_ATOMS: atom_id res chain seq x y z
N GLY A 32 -0.40 26.62 12.24
CA GLY A 32 1.07 26.85 12.07
C GLY A 32 1.57 26.51 10.67
N THR A 33 2.42 27.38 10.12
CA THR A 33 3.04 27.16 8.81
C THR A 33 4.57 26.94 8.95
N ALA A 34 5.09 27.13 10.17
CA ALA A 34 6.50 26.96 10.42
C ALA A 34 6.83 25.47 10.49
N LYS A 35 7.83 25.08 9.70
CA LYS A 35 8.19 23.69 9.61
C LYS A 35 9.72 23.59 9.46
N ILE A 36 10.32 22.71 10.26
CA ILE A 36 11.75 22.51 10.24
C ILE A 36 12.23 22.16 8.84
N SER A 37 13.35 22.79 8.48
CA SER A 37 14.05 22.61 7.19
C SER A 37 13.27 23.12 6.01
N LYS A 38 12.20 23.88 6.27
CA LYS A 38 11.47 24.61 5.24
C LYS A 38 11.71 26.10 5.47
N PRO A 39 11.51 26.95 4.45
CA PRO A 39 11.71 28.38 4.70
C PRO A 39 10.80 28.81 5.81
N ALA A 40 11.36 29.57 6.75
CA ALA A 40 10.63 30.18 7.80
C ALA A 40 9.58 31.10 7.19
N PRO A 41 8.33 31.07 7.70
CA PRO A 41 7.25 31.93 7.19
C PRO A 41 7.71 33.38 7.16
N TYR A 42 7.43 34.02 6.05
CA TYR A 42 7.76 35.40 5.86
C TYR A 42 6.98 36.26 6.84
N TRP A 43 7.65 37.24 7.42
CA TRP A 43 6.93 38.25 8.19
C TRP A 43 7.44 39.64 7.87
N GLU A 44 6.56 40.63 8.08
CA GLU A 44 6.98 42.01 8.10
C GLU A 44 6.15 42.79 9.11
N GLY A 45 6.71 43.88 9.63
CA GLY A 45 5.95 44.80 10.44
C GLY A 45 6.77 45.95 10.98
N THR A 46 6.18 46.65 11.93
CA THR A 46 6.88 47.76 12.56
C THR A 46 7.55 47.32 13.85
N ALA A 47 8.85 47.60 13.91
CA ALA A 47 9.65 47.30 15.07
C ALA A 47 10.09 48.60 15.70
N VAL A 48 10.45 48.54 16.97
CA VAL A 48 11.10 49.67 17.63
C VAL A 48 12.59 49.30 17.71
N ILE A 49 13.43 50.09 17.05
CA ILE A 49 14.88 49.86 17.01
C ILE A 49 15.53 51.16 17.47
N ASP A 50 16.29 51.08 18.54
CA ASP A 50 16.89 52.24 19.21
C ASP A 50 15.90 53.41 19.30
N GLY A 51 14.74 53.15 19.92
CA GLY A 51 13.72 54.17 20.18
C GLY A 51 12.97 54.68 18.97
N GLU A 52 13.11 54.02 17.83
CA GLU A 52 12.49 54.52 16.60
C GLU A 52 11.65 53.47 15.85
N PHE A 53 10.58 53.91 15.21
CA PHE A 53 9.76 53.02 14.40
C PHE A 53 10.45 52.74 13.08
N LYS A 54 10.73 51.46 12.80
CA LYS A 54 11.28 51.02 11.52
C LYS A 54 10.51 49.84 10.91
N GLU A 55 10.32 49.85 9.60
CA GLU A 55 9.75 48.69 8.93
C GLU A 55 10.80 47.60 8.84
N LEU A 56 10.43 46.41 9.30
CA LEU A 56 11.34 45.28 9.41
C LEU A 56 10.75 44.06 8.70
N LYS A 57 11.59 43.26 8.06
CA LYS A 57 11.11 42.10 7.30
C LYS A 57 12.02 40.93 7.57
N LEU A 58 11.48 39.71 7.47
CA LEU A 58 12.28 38.55 7.74
C LEU A 58 13.48 38.54 6.78
N THR A 59 13.25 38.96 5.54
CA THR A 59 14.22 38.89 4.47
C THR A 59 15.40 39.85 4.69
N ASP A 60 15.24 40.86 5.56
CA ASP A 60 16.33 41.76 5.90
C ASP A 60 17.50 41.04 6.55
N TYR A 61 17.23 39.84 7.04
CA TYR A 61 18.18 39.05 7.81
C TYR A 61 18.90 38.00 6.99
N ARG A 62 18.49 37.81 5.75
CA ARG A 62 19.23 36.99 4.79
C ARG A 62 20.76 37.25 4.88
N GLY A 63 21.53 36.16 4.89
CA GLY A 63 22.98 36.22 5.00
C GLY A 63 23.45 36.11 6.42
N LYS A 64 22.52 36.13 7.38
CA LYS A 64 22.91 35.91 8.78
C LYS A 64 21.96 34.92 9.46
N TYR A 65 22.36 34.36 10.59
CA TYR A 65 21.43 33.57 11.40
C TYR A 65 20.50 34.51 12.15
N LEU A 66 19.28 34.05 12.43
CA LEU A 66 18.35 34.90 13.20
C LEU A 66 17.71 34.10 14.32
N VAL A 67 17.85 34.63 15.53
CA VAL A 67 17.08 34.17 16.67
C VAL A 67 15.80 35.03 16.70
N PHE A 68 14.70 34.42 16.29
CA PHE A 68 13.39 35.10 16.30
C PHE A 68 12.58 34.54 17.46
N PHE A 69 12.25 35.37 18.44
CA PHE A 69 11.45 34.84 19.57
C PHE A 69 10.25 35.71 19.98
N PHE A 70 9.23 35.05 20.51
CA PHE A 70 7.99 35.71 20.93
C PHE A 70 7.90 35.71 22.46
N TYR A 71 7.45 36.81 23.05
CA TYR A 71 7.04 36.78 24.48
C TYR A 71 5.57 37.24 24.57
N PRO A 72 4.91 37.01 25.72
CA PRO A 72 3.47 37.24 25.76
C PRO A 72 3.03 38.70 25.59
N LEU A 73 3.47 39.61 26.46
CA LEU A 73 2.91 40.93 26.49
C LEU A 73 3.83 41.89 27.21
N ASP A 74 3.74 43.15 26.82
CA ASP A 74 4.41 44.26 27.46
C ASP A 74 3.65 44.65 28.74
N PHE A 75 4.37 45.30 29.66
CA PHE A 75 3.76 46.02 30.75
C PHE A 75 3.09 45.10 31.78
N THR A 76 3.48 43.82 31.82
CA THR A 76 2.95 42.92 32.82
C THR A 76 3.75 43.08 34.11
N PHE A 77 3.41 42.30 35.12
CA PHE A 77 4.13 42.42 36.40
C PHE A 77 5.35 41.50 36.51
N VAL A 78 5.54 40.64 35.52
CA VAL A 78 6.73 39.79 35.47
C VAL A 78 7.90 40.66 34.95
N CYS A 79 9.04 40.62 35.64
CA CYS A 79 10.28 41.27 35.16
C CYS A 79 10.73 40.66 33.82
N PRO A 80 11.01 41.49 32.81
CA PRO A 80 11.35 41.01 31.47
C PRO A 80 12.80 40.49 31.30
N THR A 81 13.19 39.53 32.15
CA THR A 81 14.57 39.03 32.22
C THR A 81 15.14 38.53 30.88
N GLU A 82 14.35 37.73 30.15
CA GLU A 82 14.74 37.18 28.85
C GLU A 82 15.18 38.23 27.84
N ILE A 83 14.38 39.28 27.70
CA ILE A 83 14.69 40.30 26.71
C ILE A 83 15.96 41.00 27.14
N ILE A 84 16.05 41.31 28.43
CA ILE A 84 17.24 42.00 28.93
C ILE A 84 18.50 41.10 28.81
N ALA A 85 18.35 39.81 29.11
CA ALA A 85 19.45 38.86 28.93
C ALA A 85 19.97 38.80 27.49
N PHE A 86 19.09 38.61 26.51
CA PHE A 86 19.49 38.60 25.10
C PHE A 86 20.11 39.95 24.68
N GLY A 87 19.50 41.04 25.15
CA GLY A 87 20.05 42.39 24.95
C GLY A 87 21.45 42.53 25.51
N ASP A 88 21.64 42.18 26.78
CA ASP A 88 22.94 42.31 27.43
C ASP A 88 24.06 41.53 26.70
N ARG A 89 23.68 40.45 26.04
CA ARG A 89 24.66 39.50 25.53
C ARG A 89 24.68 39.51 24.04
N LEU A 90 24.11 40.57 23.46
CA LEU A 90 23.91 40.65 22.02
C LEU A 90 25.19 40.50 21.20
N GLU A 91 26.29 41.03 21.74
CA GLU A 91 27.60 40.94 21.10
C GLU A 91 28.07 39.49 20.89
N GLU A 92 27.72 38.60 21.82
CA GLU A 92 27.97 37.16 21.64
C GLU A 92 27.25 36.55 20.43
N PHE A 93 26.14 37.15 20.01
CA PHE A 93 25.44 36.73 18.81
C PHE A 93 26.04 37.40 17.57
N ARG A 94 26.32 38.69 17.68
CA ARG A 94 26.84 39.44 16.54
C ARG A 94 28.22 38.96 16.16
N SER A 95 29.00 38.51 17.13
CA SER A 95 30.30 37.93 16.82
C SER A 95 30.18 36.56 16.13
N ILE A 96 29.00 35.94 16.16
CA ILE A 96 28.80 34.74 15.35
C ILE A 96 27.80 34.97 14.21
N ASN A 97 27.74 36.23 13.76
CA ASN A 97 26.99 36.55 12.53
C ASN A 97 25.47 36.24 12.69
N THR A 98 24.97 36.55 13.88
CA THR A 98 23.61 36.17 14.27
C THR A 98 22.92 37.38 14.84
N GLU A 99 21.70 37.67 14.38
CA GLU A 99 20.85 38.72 14.97
C GLU A 99 19.72 38.15 15.89
N VAL A 100 19.14 39.01 16.70
CA VAL A 100 18.06 38.64 17.62
C VAL A 100 16.88 39.61 17.50
N VAL A 101 15.69 39.08 17.21
CA VAL A 101 14.48 39.89 17.14
C VAL A 101 13.44 39.32 18.13
N ALA A 102 12.85 40.22 18.92
CA ALA A 102 11.80 39.87 19.89
C ALA A 102 10.47 40.36 19.37
N CYS A 103 9.41 39.56 19.56
CA CYS A 103 8.05 39.90 19.11
C CYS A 103 6.94 39.66 20.18
N SER A 104 5.96 40.55 20.24
CA SER A 104 4.69 40.27 20.89
C SER A 104 3.59 40.94 20.08
N VAL A 105 2.37 40.69 20.52
CA VAL A 105 1.16 41.19 19.86
C VAL A 105 0.88 42.63 20.12
N ASP A 106 1.67 43.24 21.02
CA ASP A 106 1.55 44.66 21.33
C ASP A 106 1.82 45.56 20.11
N SER A 107 1.21 46.75 20.13
CA SER A 107 1.39 47.71 19.06
C SER A 107 2.82 48.27 19.16
N GLN A 108 3.30 48.91 18.11
CA GLN A 108 4.66 49.44 18.15
C GLN A 108 4.69 50.59 19.18
N PHE A 109 3.53 51.26 19.32
CA PHE A 109 3.39 52.35 20.30
C PHE A 109 3.53 51.81 21.71
N THR A 110 2.97 50.64 21.96
CA THR A 110 3.11 50.04 23.30
C THR A 110 4.60 49.68 23.55
N HIS A 111 5.23 49.09 22.54
CA HIS A 111 6.66 48.75 22.63
C HIS A 111 7.52 49.96 23.02
N LEU A 112 7.31 51.09 22.33
CA LEU A 112 8.04 52.31 22.61
C LEU A 112 7.83 52.76 24.05
N ALA A 113 6.56 52.88 24.44
CA ALA A 113 6.23 53.31 25.79
C ALA A 113 6.86 52.38 26.82
N TRP A 114 6.82 51.09 26.55
CA TRP A 114 7.45 50.13 27.44
C TRP A 114 8.97 50.31 27.52
N ILE A 115 9.61 50.49 26.36
CA ILE A 115 11.03 50.77 26.30
C ILE A 115 11.34 52.09 27.07
N ASN A 116 10.48 53.09 26.93
CA ASN A 116 10.67 54.40 27.57
C ASN A 116 10.29 54.47 29.03
N THR A 117 9.80 53.36 29.57
CA THR A 117 9.48 53.30 30.98
C THR A 117 10.62 52.59 31.71
N PRO A 118 11.17 53.24 32.75
CA PRO A 118 12.33 52.70 33.48
C PRO A 118 12.01 51.40 34.22
N ARG A 119 12.99 50.49 34.22
CA ARG A 119 12.86 49.18 34.87
C ARG A 119 12.38 49.27 36.32
N ARG A 120 12.72 50.40 36.96
CA ARG A 120 12.25 50.72 38.32
C ARG A 120 10.71 50.81 38.38
N GLN A 121 10.11 51.51 37.42
CA GLN A 121 8.65 51.70 37.36
C GLN A 121 7.95 50.63 36.50
N GLY A 122 8.60 49.48 36.33
CA GLY A 122 8.01 48.32 35.66
C GLY A 122 8.11 48.26 34.14
N GLY A 123 9.06 49.00 33.57
CA GLY A 123 9.25 49.04 32.12
C GLY A 123 10.42 48.21 31.64
N LEU A 124 10.71 48.28 30.35
CA LEU A 124 11.82 47.52 29.78
C LEU A 124 13.13 48.29 29.94
N GLY A 125 13.04 49.61 29.82
CA GLY A 125 14.22 50.44 29.74
C GLY A 125 14.88 50.30 28.38
N PRO A 126 15.87 51.14 28.09
CA PRO A 126 16.55 51.04 26.80
C PRO A 126 16.96 49.60 26.50
N ILE A 127 16.81 49.18 25.25
CA ILE A 127 17.15 47.82 24.82
C ILE A 127 17.86 47.83 23.46
N ARG A 128 18.68 46.81 23.21
CA ARG A 128 19.55 46.77 22.04
C ARG A 128 18.94 45.83 20.99
N ILE A 129 17.75 45.36 21.27
CA ILE A 129 17.13 44.37 20.41
C ILE A 129 15.82 44.90 19.83
N PRO A 130 15.63 44.77 18.49
CA PRO A 130 14.38 45.24 17.87
C PRO A 130 13.20 44.60 18.55
N LEU A 131 12.15 45.38 18.79
CA LEU A 131 10.91 44.86 19.34
C LEU A 131 9.85 44.94 18.27
N LEU A 132 9.56 43.77 17.69
CA LEU A 132 8.62 43.68 16.58
C LEU A 132 7.16 43.58 17.11
N SER A 133 6.28 44.41 16.54
CA SER A 133 4.88 44.38 16.83
C SER A 133 4.14 43.44 15.87
N ASP A 134 3.39 42.50 16.45
CA ASP A 134 2.47 41.67 15.68
C ASP A 134 0.97 41.99 16.01
N LEU A 135 0.62 43.26 15.91
CA LEU A 135 -0.74 43.76 16.08
C LEU A 135 -1.81 42.98 15.35
N THR A 136 -1.56 42.56 14.12
CA THR A 136 -2.59 41.82 13.38
C THR A 136 -2.74 40.40 13.90
N HIS A 137 -1.75 39.91 14.64
CA HIS A 137 -1.74 38.52 15.12
C HIS A 137 -1.33 37.54 14.00
N GLN A 138 -1.17 38.02 12.79
CA GLN A 138 -0.83 37.12 11.68
C GLN A 138 0.55 36.45 11.79
N ILE A 139 1.55 37.16 12.33
CA ILE A 139 2.87 36.54 12.46
C ILE A 139 2.85 35.42 13.47
N SER A 140 2.19 35.65 14.61
CA SER A 140 2.07 34.61 15.65
C SER A 140 1.32 33.37 15.13
N LYS A 141 0.31 33.62 14.33
CA LYS A 141 -0.44 32.53 13.72
C LYS A 141 0.42 31.72 12.77
N ASP A 142 1.17 32.37 11.88
CA ASP A 142 2.07 31.65 10.95
C ASP A 142 3.10 30.85 11.71
N TYR A 143 3.52 31.34 12.88
CA TYR A 143 4.52 30.64 13.65
C TYR A 143 3.92 29.62 14.64
N GLY A 144 2.59 29.53 14.70
CA GLY A 144 1.95 28.53 15.57
C GLY A 144 2.19 28.81 17.03
N VAL A 145 2.40 30.08 17.37
CA VAL A 145 2.59 30.46 18.78
C VAL A 145 1.39 31.24 19.37
N TYR A 146 0.39 31.49 18.55
CA TYR A 146 -0.72 32.31 18.94
C TYR A 146 -1.76 31.56 19.84
N LEU A 147 -2.13 32.15 20.98
CA LEU A 147 -3.16 31.53 21.90
C LEU A 147 -4.50 32.18 21.63
N GLU A 148 -5.35 31.50 20.86
CA GLU A 148 -6.61 32.06 20.35
C GLU A 148 -7.53 32.53 21.48
N ASP A 149 -7.43 31.86 22.63
CA ASP A 149 -8.32 32.20 23.73
C ASP A 149 -7.79 33.34 24.60
N SER A 150 -6.50 33.68 24.46
CA SER A 150 -5.92 34.79 25.24
C SER A 150 -5.67 36.05 24.43
N GLY A 151 -5.56 35.88 23.12
CA GLY A 151 -5.13 36.97 22.28
C GLY A 151 -3.66 37.32 22.34
N HIS A 152 -2.81 36.44 22.88
CA HIS A 152 -1.36 36.66 22.77
C HIS A 152 -0.64 35.36 22.53
N THR A 153 0.69 35.39 22.51
CA THR A 153 1.45 34.16 22.22
C THR A 153 1.92 33.50 23.49
N LEU A 154 2.19 32.21 23.44
CA LEU A 154 3.09 31.59 24.44
C LEU A 154 4.57 32.00 24.14
N ARG A 155 5.53 31.32 24.76
CA ARG A 155 6.93 31.66 24.59
C ARG A 155 7.52 30.75 23.52
N GLY A 156 7.59 31.26 22.31
CA GLY A 156 8.16 30.45 21.23
C GLY A 156 9.45 31.07 20.75
N LEU A 157 10.43 30.24 20.40
CA LEU A 157 11.71 30.74 19.90
C LEU A 157 12.07 29.99 18.66
N PHE A 158 12.66 30.69 17.68
CA PHE A 158 12.90 30.15 16.36
C PHE A 158 14.32 30.48 15.88
N ILE A 159 15.00 29.47 15.34
CA ILE A 159 16.37 29.69 14.78
C ILE A 159 16.32 29.50 13.29
N ILE A 160 16.53 30.62 12.63
CA ILE A 160 16.44 30.68 11.20
C ILE A 160 17.86 30.89 10.66
N ASP A 161 18.24 30.10 9.67
CA ASP A 161 19.61 30.26 9.09
C ASP A 161 19.74 31.33 8.02
N ASP A 162 20.95 31.44 7.47
CA ASP A 162 21.32 32.52 6.53
C ASP A 162 20.60 32.44 5.18
N LYS A 163 20.13 31.26 4.82
CA LYS A 163 19.27 31.14 3.66
C LYS A 163 17.76 31.14 3.99
N GLY A 164 17.39 31.55 5.20
CA GLY A 164 15.98 31.72 5.54
C GLY A 164 15.26 30.43 5.85
N ILE A 165 16.02 29.38 6.13
CA ILE A 165 15.49 28.06 6.44
C ILE A 165 15.42 27.91 7.94
N LEU A 166 14.24 27.50 8.42
CA LEU A 166 13.99 27.23 9.84
C LEU A 166 14.74 25.99 10.32
N ARG A 167 15.56 26.16 11.35
CA ARG A 167 16.38 25.06 11.82
C ARG A 167 15.94 24.53 13.19
N GLN A 168 15.18 25.31 13.94
CA GLN A 168 14.95 24.95 15.33
C GLN A 168 13.67 25.62 15.81
N ILE A 169 12.85 24.86 16.56
CA ILE A 169 11.60 25.35 17.14
C ILE A 169 11.58 25.02 18.62
N THR A 170 11.47 26.05 19.45
CA THR A 170 11.35 25.88 20.88
C THR A 170 10.05 26.54 21.38
N LEU A 171 9.13 25.75 21.93
CA LEU A 171 7.83 26.29 22.43
C LEU A 171 7.66 26.02 23.91
N ASN A 172 7.64 27.08 24.71
CA ASN A 172 7.46 26.94 26.15
C ASN A 172 6.07 27.42 26.55
N ASP A 173 5.39 26.62 27.37
CA ASP A 173 4.24 27.08 28.14
C ASP A 173 4.65 28.35 28.88
N LEU A 174 3.71 29.26 29.08
CA LEU A 174 3.97 30.64 29.55
C LEU A 174 4.98 30.87 30.69
N PRO A 175 4.89 30.10 31.79
CA PRO A 175 5.72 30.50 32.93
C PRO A 175 7.24 30.41 32.68
N VAL A 176 7.64 29.53 31.77
CA VAL A 176 9.05 29.15 31.72
C VAL A 176 9.80 29.86 30.62
N GLY A 177 10.82 30.61 31.02
CA GLY A 177 11.58 31.40 30.07
C GLY A 177 12.63 30.58 29.33
N ARG A 178 13.45 31.30 28.58
CA ARG A 178 14.45 30.75 27.69
C ARG A 178 15.88 31.09 28.10
N SER A 179 16.81 30.24 27.70
CA SER A 179 18.20 30.40 28.08
C SER A 179 19.02 30.90 26.89
N VAL A 180 19.77 31.98 27.12
CA VAL A 180 20.69 32.51 26.13
C VAL A 180 21.82 31.53 25.83
N ASP A 181 22.35 30.85 26.86
CA ASP A 181 23.41 29.86 26.68
C ASP A 181 22.95 28.72 25.79
N GLU A 182 21.74 28.23 26.04
CA GLU A 182 21.18 27.19 25.20
C GLU A 182 21.03 27.69 23.76
N THR A 183 20.60 28.94 23.60
CA THR A 183 20.35 29.49 22.27
C THR A 183 21.67 29.66 21.46
N LEU A 184 22.71 30.13 22.13
CA LEU A 184 24.07 30.19 21.58
C LEU A 184 24.55 28.79 21.16
N ARG A 185 24.41 27.82 22.06
CA ARG A 185 24.82 26.45 21.78
C ARG A 185 24.20 25.97 20.47
N LEU A 186 22.90 26.15 20.32
CA LEU A 186 22.18 25.72 19.12
C LEU A 186 22.66 26.46 17.87
N VAL A 187 22.83 27.78 17.95
CA VAL A 187 23.27 28.53 16.79
C VAL A 187 24.67 28.04 16.34
N GLN A 188 25.63 28.04 17.26
CA GLN A 188 26.99 27.51 17.02
C GLN A 188 26.95 26.09 16.45
N ALA A 189 26.10 25.24 17.02
CA ALA A 189 25.96 23.88 16.47
C ALA A 189 25.49 23.86 15.02
N PHE A 190 24.46 24.67 14.69
CA PHE A 190 23.95 24.70 13.31
C PHE A 190 24.99 25.26 12.33
N GLN A 191 25.78 26.23 12.78
CA GLN A 191 26.76 26.88 11.93
C GLN A 191 27.95 25.94 11.70
N TYR A 192 28.30 25.16 12.74
CA TYR A 192 29.40 24.22 12.65
C TYR A 192 29.06 23.10 11.69
N THR A 193 27.85 22.57 11.81
CA THR A 193 27.44 21.48 10.94
C THR A 193 27.14 21.97 9.53
N ASP A 194 26.81 23.26 9.40
CA ASP A 194 26.73 23.92 8.10
C ASP A 194 28.11 23.91 7.40
N LYS A 195 29.17 24.21 8.14
CA LYS A 195 30.51 24.36 7.56
C LYS A 195 31.15 23.00 7.35
N HIS A 196 31.33 22.28 8.44
CA HIS A 196 32.12 21.06 8.46
C HIS A 196 31.34 19.80 8.04
N GLY A 197 30.48 19.95 7.03
CA GLY A 197 29.82 18.81 6.37
C GLY A 197 28.69 18.19 7.15
N GLY B 32 1.13 17.54 13.82
CA GLY B 32 0.14 16.53 14.33
C GLY B 32 -0.82 17.15 15.34
N THR B 33 -1.09 16.43 16.43
CA THR B 33 -2.05 16.92 17.43
C THR B 33 -1.38 17.39 18.74
N ALA B 34 -0.06 17.51 18.76
CA ALA B 34 0.63 17.93 19.97
C ALA B 34 0.52 19.44 20.13
N LYS B 35 -0.03 19.85 21.27
CA LYS B 35 -0.35 21.24 21.53
C LYS B 35 0.02 21.57 22.99
N ILE B 36 0.75 22.68 23.19
CA ILE B 36 1.17 23.11 24.54
C ILE B 36 -0.08 23.35 25.38
N SER B 37 -0.04 22.89 26.63
CA SER B 37 -1.12 23.02 27.62
C SER B 37 -2.38 22.17 27.32
N LYS B 38 -2.29 21.34 26.30
CA LYS B 38 -3.26 20.30 26.00
C LYS B 38 -2.68 18.95 26.47
N PRO B 39 -3.56 17.95 26.71
CA PRO B 39 -3.05 16.61 26.98
C PRO B 39 -2.15 16.17 25.84
N ALA B 40 -0.98 15.65 26.18
CA ALA B 40 -0.07 15.03 25.22
C ALA B 40 -0.75 13.87 24.48
N PRO B 41 -0.56 13.79 23.16
CA PRO B 41 -1.22 12.73 22.41
C PRO B 41 -0.87 11.36 22.96
N TYR B 42 -1.90 10.59 23.28
CA TYR B 42 -1.71 9.22 23.74
C TYR B 42 -0.81 8.46 22.79
N TRP B 43 0.08 7.65 23.36
CA TRP B 43 0.82 6.71 22.56
C TRP B 43 0.96 5.42 23.35
N GLU B 44 1.13 4.34 22.59
CA GLU B 44 1.44 3.03 23.13
C GLU B 44 2.21 2.25 22.09
N GLY B 45 3.08 1.36 22.55
CA GLY B 45 3.73 0.43 21.66
C GLY B 45 4.70 -0.44 22.40
N THR B 46 5.52 -1.15 21.64
CA THR B 46 6.50 -2.06 22.22
C THR B 46 7.80 -1.31 22.41
N ALA B 47 8.39 -1.45 23.60
CA ALA B 47 9.69 -0.86 23.90
C ALA B 47 10.65 -1.93 24.41
N VAL B 48 11.94 -1.67 24.29
CA VAL B 48 12.93 -2.51 24.94
C VAL B 48 13.23 -1.88 26.31
N ILE B 49 12.92 -2.63 27.36
CA ILE B 49 13.20 -2.24 28.75
C ILE B 49 14.05 -3.36 29.40
N ASP B 50 15.24 -2.97 29.86
CA ASP B 50 16.32 -3.90 30.27
C ASP B 50 16.27 -5.22 29.50
N GLY B 51 16.66 -5.14 28.21
CA GLY B 51 16.81 -6.31 27.35
C GLY B 51 15.56 -7.07 26.96
N GLU B 52 14.40 -6.64 27.47
CA GLU B 52 13.13 -7.32 27.23
C GLU B 52 12.09 -6.47 26.50
N PHE B 53 11.17 -7.12 25.79
CA PHE B 53 10.04 -6.45 25.18
C PHE B 53 8.84 -6.25 26.12
N LYS B 54 8.55 -4.99 26.46
CA LYS B 54 7.38 -4.64 27.25
C LYS B 54 6.43 -3.76 26.44
N GLU B 55 5.13 -3.90 26.65
CA GLU B 55 4.20 -2.93 26.07
C GLU B 55 4.22 -1.71 26.97
N LEU B 56 4.31 -0.52 26.37
CA LEU B 56 4.49 0.73 27.11
C LEU B 56 3.50 1.75 26.58
N LYS B 57 2.89 2.50 27.48
CA LYS B 57 1.97 3.52 27.04
C LYS B 57 2.20 4.80 27.80
N LEU B 58 1.75 5.91 27.21
CA LEU B 58 1.96 7.21 27.83
C LEU B 58 1.33 7.28 29.24
N THR B 59 0.22 6.57 29.42
CA THR B 59 -0.53 6.62 30.71
C THR B 59 0.25 5.95 31.83
N ASP B 60 1.23 5.10 31.50
CA ASP B 60 2.08 4.50 32.55
C ASP B 60 2.89 5.55 33.34
N TYR B 61 2.97 6.77 32.79
CA TYR B 61 3.78 7.84 33.36
C TYR B 61 3.00 8.87 34.17
N ARG B 62 1.66 8.77 34.17
CA ARG B 62 0.80 9.60 35.05
C ARG B 62 1.29 9.59 36.50
N GLY B 63 1.26 10.76 37.14
CA GLY B 63 1.90 10.96 38.46
C GLY B 63 3.38 11.35 38.37
N LYS B 64 3.95 11.29 37.17
CA LYS B 64 5.35 11.67 36.98
C LYS B 64 5.49 12.61 35.82
N TYR B 65 6.40 13.57 35.91
CA TYR B 65 6.91 14.25 34.70
C TYR B 65 7.53 13.27 33.71
N LEU B 66 7.39 13.55 32.42
CA LEU B 66 8.03 12.68 31.43
C LEU B 66 8.78 13.53 30.41
N VAL B 67 10.05 13.22 30.23
CA VAL B 67 10.80 13.73 29.07
C VAL B 67 10.63 12.70 27.98
N PHE B 68 9.93 13.04 26.90
CA PHE B 68 9.66 12.07 25.80
C PHE B 68 10.40 12.53 24.53
N PHE B 69 11.39 11.80 24.07
CA PHE B 69 12.11 12.30 22.88
C PHE B 69 12.28 11.31 21.73
N PHE B 70 12.38 11.87 20.54
CA PHE B 70 12.57 11.13 19.31
C PHE B 70 13.98 11.34 18.80
N TYR B 71 14.54 10.32 18.17
CA TYR B 71 15.83 10.42 17.47
C TYR B 71 15.66 9.69 16.14
N PRO B 72 16.52 10.01 15.14
CA PRO B 72 16.22 9.51 13.78
C PRO B 72 16.27 7.99 13.63
N LEU B 73 17.44 7.37 13.84
CA LEU B 73 17.66 5.97 13.45
C LEU B 73 18.72 5.31 14.29
N ASP B 74 18.57 3.99 14.51
CA ASP B 74 19.57 3.19 15.20
C ASP B 74 20.69 2.91 14.21
N PHE B 75 21.83 2.48 14.73
CA PHE B 75 22.91 1.96 13.89
C PHE B 75 23.52 2.94 12.87
N THR B 76 23.39 4.24 13.07
CA THR B 76 24.08 5.15 12.14
C THR B 76 25.55 5.27 12.49
N PHE B 77 26.31 5.99 11.67
CA PHE B 77 27.77 6.03 11.88
C PHE B 77 28.17 7.16 12.83
N VAL B 78 27.22 7.67 13.61
CA VAL B 78 27.51 8.67 14.63
C VAL B 78 27.23 8.04 15.99
N CYS B 79 28.12 8.24 16.95
CA CYS B 79 27.89 7.76 18.31
C CYS B 79 26.63 8.44 18.86
N PRO B 80 25.77 7.66 19.53
CA PRO B 80 24.51 8.19 20.09
C PRO B 80 24.74 8.93 21.41
N THR B 81 25.55 9.97 21.36
CA THR B 81 25.94 10.70 22.57
C THR B 81 24.75 11.24 23.34
N GLU B 82 23.77 11.76 22.61
CA GLU B 82 22.49 12.24 23.12
C GLU B 82 21.80 11.26 24.05
N ILE B 83 21.53 10.06 23.52
CA ILE B 83 20.81 9.00 24.23
C ILE B 83 21.63 8.43 25.37
N ILE B 84 22.91 8.23 25.09
CA ILE B 84 23.85 7.79 26.10
C ILE B 84 23.77 8.76 27.29
N ALA B 85 23.92 10.05 27.03
CA ALA B 85 23.89 11.08 28.06
C ALA B 85 22.61 11.04 28.94
N PHE B 86 21.43 10.98 28.33
CA PHE B 86 20.20 10.92 29.15
C PHE B 86 20.16 9.66 30.02
N GLY B 87 20.72 8.57 29.52
CA GLY B 87 20.71 7.28 30.22
C GLY B 87 21.67 7.28 31.38
N ASP B 88 22.86 7.77 31.11
CA ASP B 88 23.91 7.84 32.08
C ASP B 88 23.61 8.83 33.17
N ARG B 89 22.66 9.74 32.91
CA ARG B 89 22.32 10.81 33.87
C ARG B 89 20.88 10.76 34.39
N LEU B 90 20.25 9.60 34.20
CA LEU B 90 18.85 9.35 34.52
C LEU B 90 18.43 9.68 35.94
N GLU B 91 19.33 9.42 36.90
CA GLU B 91 19.04 9.70 38.30
C GLU B 91 18.76 11.19 38.55
N GLU B 92 19.34 12.07 37.74
CA GLU B 92 19.07 13.52 37.86
C GLU B 92 17.61 13.83 37.45
N PHE B 93 17.01 12.92 36.68
CA PHE B 93 15.61 12.99 36.38
C PHE B 93 14.77 12.23 37.42
N ARG B 94 15.19 11.04 37.82
CA ARG B 94 14.36 10.25 38.73
C ARG B 94 14.25 10.88 40.10
N SER B 95 15.35 11.48 40.56
CA SER B 95 15.36 12.21 41.84
C SER B 95 14.51 13.48 41.86
N ILE B 96 13.98 13.88 40.71
CA ILE B 96 12.96 14.92 40.69
C ILE B 96 11.68 14.42 40.00
N ASN B 97 11.38 13.14 40.19
CA ASN B 97 10.05 12.60 39.82
C ASN B 97 9.79 12.66 38.31
N THR B 98 10.87 12.48 37.54
CA THR B 98 10.80 12.59 36.10
C THR B 98 11.34 11.32 35.50
N GLU B 99 10.63 10.83 34.50
CA GLU B 99 11.10 9.71 33.69
C GLU B 99 11.49 10.15 32.26
N VAL B 100 12.27 9.32 31.59
CA VAL B 100 12.74 9.60 30.22
C VAL B 100 12.46 8.42 29.29
N VAL B 101 11.88 8.71 28.13
CA VAL B 101 11.64 7.64 27.12
C VAL B 101 12.19 8.14 25.79
N ALA B 102 13.00 7.32 25.14
CA ALA B 102 13.51 7.61 23.81
C ALA B 102 12.70 6.82 22.74
N CYS B 103 12.49 7.43 21.57
CA CYS B 103 11.75 6.80 20.46
C CYS B 103 12.39 7.00 19.05
N SER B 104 12.31 5.95 18.23
CA SER B 104 12.57 6.09 16.82
C SER B 104 11.68 5.12 16.07
N VAL B 105 11.66 5.25 14.75
CA VAL B 105 10.80 4.42 13.90
C VAL B 105 11.30 2.99 13.75
N ASP B 106 12.52 2.72 14.23
CA ASP B 106 13.10 1.35 14.22
C ASP B 106 12.23 0.37 14.97
N SER B 107 12.28 -0.90 14.54
CA SER B 107 11.57 -1.96 15.24
C SER B 107 12.20 -2.21 16.61
N GLN B 108 11.44 -2.85 17.48
CA GLN B 108 11.93 -3.25 18.78
C GLN B 108 13.11 -4.23 18.67
N PHE B 109 13.09 -5.08 17.66
CA PHE B 109 14.24 -5.95 17.39
C PHE B 109 15.48 -5.18 16.97
N THR B 110 15.31 -4.09 16.23
CA THR B 110 16.48 -3.30 15.87
C THR B 110 17.04 -2.62 17.14
N HIS B 111 16.13 -2.19 18.02
CA HIS B 111 16.48 -1.49 19.25
C HIS B 111 17.32 -2.40 20.15
N LEU B 112 16.88 -3.65 20.27
CA LEU B 112 17.57 -4.63 21.12
C LEU B 112 18.96 -4.93 20.57
N ALA B 113 19.04 -5.29 19.29
CA ALA B 113 20.32 -5.46 18.62
C ALA B 113 21.27 -4.27 18.88
N TRP B 114 20.76 -3.05 18.74
CA TRP B 114 21.52 -1.84 19.01
C TRP B 114 22.04 -1.73 20.45
N ILE B 115 21.17 -2.04 21.40
CA ILE B 115 21.53 -2.09 22.81
C ILE B 115 22.61 -3.17 23.06
N ASN B 116 22.48 -4.32 22.41
CA ASN B 116 23.46 -5.40 22.53
C ASN B 116 24.75 -5.15 21.75
N THR B 117 24.81 -4.05 21.02
CA THR B 117 26.06 -3.65 20.39
C THR B 117 26.78 -2.74 21.39
N PRO B 118 28.09 -2.99 21.63
CA PRO B 118 28.84 -2.19 22.63
C PRO B 118 29.13 -0.77 22.16
N ARG B 119 29.13 0.18 23.10
CA ARG B 119 29.40 1.59 22.83
C ARG B 119 30.70 1.77 22.06
N ARG B 120 31.68 0.92 22.40
CA ARG B 120 33.00 0.94 21.74
C ARG B 120 32.88 0.67 20.24
N GLN B 121 31.93 -0.20 19.87
CA GLN B 121 31.71 -0.61 18.49
C GLN B 121 30.64 0.22 17.74
N GLY B 122 30.26 1.37 18.30
CA GLY B 122 29.25 2.25 17.67
C GLY B 122 27.84 2.12 18.24
N GLY B 123 27.62 1.10 19.06
CA GLY B 123 26.31 0.78 19.60
C GLY B 123 25.92 1.58 20.83
N LEU B 124 24.83 1.16 21.45
CA LEU B 124 24.32 1.85 22.63
C LEU B 124 24.86 1.29 23.95
N GLY B 125 25.19 0.01 23.96
CA GLY B 125 25.49 -0.70 25.20
C GLY B 125 24.21 -0.74 26.02
N PRO B 126 24.26 -1.31 27.23
CA PRO B 126 23.06 -1.33 28.06
C PRO B 126 22.64 0.08 28.43
N ILE B 127 21.34 0.25 28.58
CA ILE B 127 20.73 1.56 28.71
C ILE B 127 19.56 1.33 29.65
N ARG B 128 19.31 2.30 30.53
CA ARG B 128 18.27 2.17 31.57
C ARG B 128 16.97 2.88 31.20
N ILE B 129 16.99 3.58 30.08
CA ILE B 129 15.83 4.21 29.47
C ILE B 129 15.18 3.30 28.40
N PRO B 130 13.84 3.16 28.44
CA PRO B 130 13.12 2.41 27.40
C PRO B 130 13.35 2.99 26.01
N LEU B 131 13.60 2.12 25.04
CA LEU B 131 13.59 2.52 23.64
C LEU B 131 12.27 2.13 23.00
N LEU B 132 11.46 3.14 22.74
CA LEU B 132 10.16 2.92 22.18
C LEU B 132 10.27 2.77 20.67
N SER B 133 9.70 1.69 20.14
CA SER B 133 9.60 1.48 18.69
C SER B 133 8.35 2.16 18.12
N ASP B 134 8.52 2.93 17.05
CA ASP B 134 7.39 3.45 16.27
C ASP B 134 7.34 2.93 14.82
N LEU B 135 7.39 1.62 14.64
CA LEU B 135 7.34 1.02 13.29
C LEU B 135 6.21 1.53 12.39
N THR B 136 5.01 1.74 12.93
CA THR B 136 3.87 2.17 12.11
C THR B 136 3.98 3.61 11.67
N HIS B 137 4.79 4.39 12.41
CA HIS B 137 4.95 5.82 12.22
C HIS B 137 3.84 6.67 12.83
N GLN B 138 2.81 6.03 13.38
CA GLN B 138 1.68 6.81 13.91
C GLN B 138 2.07 7.75 15.05
N ILE B 139 2.89 7.28 15.98
CA ILE B 139 3.29 8.10 17.12
C ILE B 139 4.04 9.35 16.63
N SER B 140 5.04 9.15 15.77
CA SER B 140 5.81 10.24 15.19
C SER B 140 4.91 11.24 14.52
N LYS B 141 3.93 10.74 13.78
CA LYS B 141 2.97 11.62 13.11
C LYS B 141 2.08 12.36 14.11
N ASP B 142 1.69 11.71 15.19
CA ASP B 142 0.84 12.38 16.20
C ASP B 142 1.66 13.45 16.89
N TYR B 143 2.99 13.29 16.90
CA TYR B 143 3.82 14.25 17.60
C TYR B 143 4.35 15.30 16.64
N GLY B 144 4.02 15.13 15.37
CA GLY B 144 4.42 16.07 14.35
C GLY B 144 5.91 16.09 14.09
N VAL B 145 6.56 14.95 14.31
CA VAL B 145 8.01 14.88 14.11
C VAL B 145 8.43 13.98 12.97
N TYR B 146 7.46 13.32 12.34
CA TYR B 146 7.75 12.42 11.23
C TYR B 146 8.17 13.18 9.97
N LEU B 147 9.26 12.73 9.32
CA LEU B 147 9.71 13.27 8.01
C LEU B 147 9.26 12.38 6.85
N GLU B 148 8.16 12.75 6.19
CA GLU B 148 7.51 11.93 5.16
C GLU B 148 8.46 11.49 4.03
N ASP B 149 9.38 12.37 3.65
CA ASP B 149 10.36 12.09 2.59
C ASP B 149 11.46 11.09 3.01
N SER B 150 11.87 11.14 4.27
CA SER B 150 12.92 10.25 4.77
C SER B 150 12.42 8.96 5.40
N GLY B 151 11.22 8.99 5.97
CA GLY B 151 10.66 7.81 6.63
C GLY B 151 11.27 7.65 8.01
N HIS B 152 11.67 8.74 8.65
CA HIS B 152 12.03 8.68 10.06
C HIS B 152 11.76 10.04 10.67
N THR B 153 12.18 10.26 11.90
CA THR B 153 11.88 11.51 12.55
C THR B 153 13.06 12.46 12.51
N LEU B 154 12.80 13.74 12.74
CA LEU B 154 13.79 14.69 13.15
C LEU B 154 14.09 14.51 14.64
N ARG B 155 14.77 15.47 15.28
CA ARG B 155 15.03 15.35 16.71
C ARG B 155 13.99 16.13 17.51
N GLY B 156 13.00 15.44 18.06
CA GLY B 156 11.92 16.11 18.79
C GLY B 156 11.92 15.73 20.24
N LEU B 157 11.81 16.71 21.14
CA LEU B 157 11.75 16.45 22.56
C LEU B 157 10.50 17.09 23.10
N PHE B 158 9.87 16.41 24.04
CA PHE B 158 8.57 16.83 24.60
C PHE B 158 8.64 16.65 26.08
N ILE B 159 8.32 17.72 26.79
CA ILE B 159 8.19 17.63 28.25
C ILE B 159 6.73 17.60 28.62
N ILE B 160 6.37 16.54 29.33
CA ILE B 160 4.99 16.29 29.70
C ILE B 160 4.87 16.22 31.22
N ASP B 161 3.88 16.91 31.79
CA ASP B 161 3.78 16.95 33.24
C ASP B 161 3.08 15.73 33.83
N ASP B 162 2.99 15.68 35.15
CA ASP B 162 2.45 14.52 35.89
C ASP B 162 0.94 14.30 35.66
N LYS B 163 0.27 15.31 35.15
CA LYS B 163 -1.11 15.21 34.73
C LYS B 163 -1.22 14.84 33.25
N GLY B 164 -0.08 14.67 32.58
CA GLY B 164 -0.09 14.28 31.18
C GLY B 164 -0.37 15.45 30.28
N ILE B 165 -0.13 16.65 30.76
CA ILE B 165 -0.31 17.85 29.93
C ILE B 165 1.04 18.22 29.27
N LEU B 166 1.04 18.55 27.99
CA LEU B 166 2.28 18.85 27.26
C LEU B 166 2.67 20.25 27.65
N ARG B 167 3.86 20.42 28.24
CA ARG B 167 4.34 21.73 28.65
C ARG B 167 5.46 22.32 27.73
N GLN B 168 6.10 21.47 26.94
CA GLN B 168 7.26 21.94 26.15
C GLN B 168 7.50 21.10 24.90
N ILE B 169 7.83 21.78 23.81
CA ILE B 169 8.17 21.16 22.53
C ILE B 169 9.49 21.74 22.02
N THR B 170 10.44 20.86 21.75
CA THR B 170 11.72 21.24 21.22
C THR B 170 11.92 20.45 19.97
N LEU B 171 11.97 21.13 18.82
CA LEU B 171 12.21 20.43 17.56
C LEU B 171 13.52 20.95 16.97
N ASN B 172 14.40 20.02 16.60
CA ASN B 172 15.71 20.31 16.02
C ASN B 172 15.85 19.69 14.66
N ASP B 173 16.32 20.45 13.66
CA ASP B 173 16.87 19.87 12.43
C ASP B 173 17.94 18.85 12.76
N LEU B 174 18.08 17.83 11.89
CA LEU B 174 18.85 16.60 12.20
C LEU B 174 20.26 16.69 12.80
N PRO B 175 21.11 17.58 12.26
CA PRO B 175 22.48 17.42 12.74
C PRO B 175 22.75 17.98 14.15
N VAL B 176 21.72 18.44 14.85
CA VAL B 176 21.97 19.10 16.11
C VAL B 176 21.23 18.46 17.28
N GLY B 177 22.00 18.02 18.27
CA GLY B 177 21.48 17.26 19.38
C GLY B 177 20.91 18.06 20.55
N ARG B 178 20.45 17.33 21.55
CA ARG B 178 19.84 17.90 22.73
C ARG B 178 20.78 17.93 23.94
N SER B 179 20.52 18.85 24.86
CA SER B 179 21.32 19.02 26.04
C SER B 179 20.54 18.49 27.23
N VAL B 180 21.19 17.63 28.00
CA VAL B 180 20.61 17.10 29.23
C VAL B 180 20.45 18.22 30.27
N ASP B 181 21.43 19.15 30.33
CA ASP B 181 21.31 20.30 31.24
C ASP B 181 20.14 21.22 30.91
N GLU B 182 19.89 21.46 29.62
CA GLU B 182 18.76 22.31 29.27
C GLU B 182 17.43 21.65 29.64
N THR B 183 17.35 20.35 29.40
CA THR B 183 16.13 19.60 29.66
C THR B 183 15.83 19.60 31.15
N LEU B 184 16.87 19.39 31.95
CA LEU B 184 16.76 19.49 33.43
C LEU B 184 16.29 20.85 33.86
N ARG B 185 16.92 21.90 33.34
CA ARG B 185 16.48 23.26 33.66
C ARG B 185 15.00 23.52 33.34
N LEU B 186 14.50 22.95 32.25
CA LEU B 186 13.12 23.16 31.90
C LEU B 186 12.21 22.39 32.84
N VAL B 187 12.55 21.14 33.10
CA VAL B 187 11.79 20.30 34.00
C VAL B 187 11.71 20.96 35.39
N GLN B 188 12.87 21.33 35.91
CA GLN B 188 12.94 22.04 37.19
C GLN B 188 12.11 23.31 37.16
N ALA B 189 12.17 24.05 36.06
CA ALA B 189 11.39 25.28 35.97
C ALA B 189 9.89 25.04 35.98
N PHE B 190 9.43 23.99 35.27
CA PHE B 190 8.03 23.67 35.21
C PHE B 190 7.49 23.21 36.58
N GLN B 191 8.31 22.49 37.35
CA GLN B 191 7.91 21.98 38.66
C GLN B 191 7.84 23.07 39.72
N TYR B 192 8.82 23.98 39.71
CA TYR B 192 8.80 25.15 40.57
C TYR B 192 7.55 25.97 40.30
N THR B 193 7.31 26.22 39.01
CA THR B 193 6.12 26.92 38.54
C THR B 193 4.83 26.27 39.04
N ASP B 194 4.75 24.95 38.96
CA ASP B 194 3.63 24.19 39.48
C ASP B 194 3.44 24.44 40.99
N LYS B 195 4.52 24.30 41.75
CA LYS B 195 4.53 24.41 43.20
C LYS B 195 4.13 25.81 43.64
N HIS B 196 4.86 26.81 43.17
CA HIS B 196 4.69 28.19 43.62
C HIS B 196 3.80 29.00 42.68
N GLY B 197 2.59 28.48 42.42
CA GLY B 197 1.57 29.15 41.60
C GLY B 197 1.97 29.45 40.16
N GLY C 32 -2.60 -1.96 -3.40
CA GLY C 32 -1.67 -1.04 -4.14
C GLY C 32 -1.82 -1.09 -5.65
N THR C 33 -0.71 -0.86 -6.36
CA THR C 33 -0.75 -0.69 -7.80
C THR C 33 -0.18 -1.88 -8.60
N ALA C 34 0.31 -2.91 -7.91
CA ALA C 34 0.82 -4.08 -8.62
C ALA C 34 -0.30 -4.94 -9.22
N LYS C 35 -0.26 -5.07 -10.54
CA LYS C 35 -1.19 -5.92 -11.31
C LYS C 35 -0.42 -6.78 -12.31
N ILE C 36 -0.78 -8.07 -12.39
CA ILE C 36 -0.18 -8.99 -13.37
C ILE C 36 -0.32 -8.41 -14.79
N SER C 37 0.74 -8.55 -15.59
CA SER C 37 0.80 -8.10 -17.00
C SER C 37 0.75 -6.56 -17.21
N LYS C 38 0.92 -5.83 -16.10
CA LYS C 38 1.11 -4.39 -16.11
C LYS C 38 2.56 -4.14 -15.70
N PRO C 39 3.13 -2.97 -16.05
CA PRO C 39 4.48 -2.73 -15.56
C PRO C 39 4.48 -2.80 -14.03
N ALA C 40 5.43 -3.53 -13.46
CA ALA C 40 5.64 -3.54 -12.03
C ALA C 40 5.80 -2.10 -11.55
N PRO C 41 5.14 -1.74 -10.42
CA PRO C 41 5.30 -0.37 -9.92
C PRO C 41 6.77 -0.02 -9.71
N TYR C 42 7.18 1.12 -10.27
CA TYR C 42 8.51 1.67 -10.08
C TYR C 42 8.87 1.83 -8.61
N TRP C 43 10.10 1.48 -8.25
CA TRP C 43 10.67 1.79 -6.94
C TRP C 43 12.13 2.23 -7.00
N GLU C 44 12.55 2.96 -5.98
CA GLU C 44 13.94 3.33 -5.81
C GLU C 44 14.24 3.49 -4.33
N GLY C 45 15.50 3.27 -3.97
CA GLY C 45 15.92 3.49 -2.61
C GLY C 45 17.36 3.10 -2.39
N THR C 46 17.76 3.09 -1.14
CA THR C 46 19.09 2.68 -0.80
C THR C 46 19.10 1.22 -0.44
N ALA C 47 20.09 0.51 -0.98
CA ALA C 47 20.26 -0.90 -0.74
C ALA C 47 21.66 -1.11 -0.27
N VAL C 48 21.88 -2.24 0.39
CA VAL C 48 23.20 -2.65 0.78
C VAL C 48 23.63 -3.71 -0.20
N ILE C 49 24.65 -3.38 -0.98
CA ILE C 49 25.21 -4.30 -1.94
C ILE C 49 26.67 -4.51 -1.61
N ASP C 50 27.03 -5.77 -1.39
CA ASP C 50 28.36 -6.15 -0.93
C ASP C 50 28.90 -5.14 0.11
N GLY C 51 28.10 -4.94 1.16
CA GLY C 51 28.52 -4.17 2.34
C GLY C 51 28.53 -2.66 2.16
N GLU C 52 27.93 -2.18 1.08
CA GLU C 52 27.96 -0.74 0.78
C GLU C 52 26.57 -0.20 0.46
N PHE C 53 26.35 1.07 0.76
CA PHE C 53 25.11 1.73 0.37
C PHE C 53 25.17 2.09 -1.11
N LYS C 54 24.15 1.66 -1.85
CA LYS C 54 24.00 2.04 -3.26
C LYS C 54 22.56 2.45 -3.53
N GLU C 55 22.39 3.47 -4.35
CA GLU C 55 21.07 3.85 -4.82
C GLU C 55 20.62 2.80 -5.82
N LEU C 56 19.43 2.22 -5.61
CA LEU C 56 18.94 1.16 -6.49
C LEU C 56 17.57 1.49 -7.02
N LYS C 57 17.32 1.12 -8.27
CA LYS C 57 16.00 1.28 -8.83
C LYS C 57 15.58 0.12 -9.71
N LEU C 58 14.27 -0.03 -9.82
CA LEU C 58 13.67 -1.08 -10.63
C LEU C 58 14.21 -1.05 -12.06
N THR C 59 14.34 0.16 -12.62
CA THR C 59 14.77 0.33 -14.01
C THR C 59 16.20 -0.17 -14.27
N ASP C 60 17.03 -0.23 -13.22
CA ASP C 60 18.37 -0.82 -13.31
C ASP C 60 18.36 -2.27 -13.78
N TYR C 61 17.22 -2.92 -13.64
CA TYR C 61 17.13 -4.35 -13.89
C TYR C 61 16.49 -4.65 -15.23
N ARG C 62 16.19 -3.60 -15.97
CA ARG C 62 15.64 -3.77 -17.29
C ARG C 62 16.58 -4.60 -18.18
N GLY C 63 15.99 -5.47 -18.99
CA GLY C 63 16.76 -6.40 -19.81
C GLY C 63 17.06 -7.72 -19.11
N LYS C 64 16.83 -7.75 -17.80
CA LYS C 64 16.93 -9.02 -17.05
C LYS C 64 15.62 -9.29 -16.33
N TYR C 65 15.38 -10.56 -16.03
CA TYR C 65 14.28 -10.93 -15.12
C TYR C 65 14.63 -10.56 -13.68
N LEU C 66 13.62 -10.21 -12.90
CA LEU C 66 13.89 -9.87 -11.50
C LEU C 66 12.96 -10.57 -10.52
N VAL C 67 13.57 -11.26 -9.56
CA VAL C 67 12.84 -11.78 -8.41
C VAL C 67 12.93 -10.74 -7.30
N PHE C 68 11.80 -10.09 -7.03
CA PHE C 68 11.75 -9.01 -6.06
C PHE C 68 10.88 -9.49 -4.92
N PHE C 69 11.48 -9.68 -3.74
CA PHE C 69 10.72 -10.13 -2.59
C PHE C 69 10.93 -9.33 -1.31
N PHE C 70 9.88 -9.36 -0.48
CA PHE C 70 9.82 -8.66 0.77
C PHE C 70 9.87 -9.67 1.89
N TYR C 71 10.59 -9.30 2.94
CA TYR C 71 10.56 -10.09 4.19
C TYR C 71 10.25 -9.14 5.36
N PRO C 72 9.76 -9.66 6.50
CA PRO C 72 9.23 -8.69 7.47
C PRO C 72 10.26 -7.78 8.19
N LEU C 73 11.23 -8.36 8.90
CA LEU C 73 12.14 -7.55 9.74
C LEU C 73 13.54 -8.15 9.90
N ASP C 74 14.56 -7.28 9.94
CA ASP C 74 15.88 -7.74 10.35
C ASP C 74 15.89 -8.01 11.85
N PHE C 75 16.89 -8.75 12.31
CA PHE C 75 17.19 -8.94 13.73
C PHE C 75 16.09 -9.66 14.53
N THR C 76 15.21 -10.37 13.84
CA THR C 76 14.21 -11.15 14.54
C THR C 76 14.87 -12.40 15.11
N PHE C 77 14.10 -13.14 15.88
CA PHE C 77 14.54 -14.35 16.55
C PHE C 77 14.46 -15.60 15.64
N VAL C 78 14.12 -15.39 14.38
CA VAL C 78 14.04 -16.47 13.40
C VAL C 78 15.27 -16.41 12.49
N CYS C 79 15.84 -17.56 12.17
CA CYS C 79 16.93 -17.68 11.20
C CYS C 79 16.47 -17.29 9.79
N PRO C 80 17.24 -16.43 9.10
CA PRO C 80 16.85 -15.92 7.78
C PRO C 80 17.14 -16.90 6.64
N THR C 81 16.52 -18.08 6.71
CA THR C 81 16.81 -19.17 5.79
C THR C 81 16.55 -18.81 4.32
N GLU C 82 15.42 -18.16 4.08
CA GLU C 82 15.03 -17.67 2.74
C GLU C 82 16.15 -16.89 2.09
N ILE C 83 16.60 -15.86 2.79
CA ILE C 83 17.54 -14.91 2.19
C ILE C 83 18.87 -15.61 1.91
N ILE C 84 19.29 -16.46 2.84
CA ILE C 84 20.49 -17.28 2.68
C ILE C 84 20.37 -18.19 1.45
N ALA C 85 19.27 -18.94 1.37
CA ALA C 85 19.06 -19.84 0.23
C ALA C 85 19.13 -19.14 -1.13
N PHE C 86 18.47 -17.98 -1.28
CA PHE C 86 18.56 -17.22 -2.51
C PHE C 86 20.01 -16.76 -2.80
N GLY C 87 20.76 -16.45 -1.75
CA GLY C 87 22.14 -16.02 -1.89
C GLY C 87 23.12 -17.14 -2.24
N ASP C 88 22.89 -18.32 -1.66
CA ASP C 88 23.73 -19.48 -1.96
C ASP C 88 23.52 -19.98 -3.38
N ARG C 89 22.30 -19.89 -3.87
CA ARG C 89 21.93 -20.46 -5.16
C ARG C 89 21.80 -19.39 -6.22
N LEU C 90 22.41 -18.23 -5.96
CA LEU C 90 22.28 -17.08 -6.85
C LEU C 90 22.73 -17.38 -8.29
N GLU C 91 23.82 -18.13 -8.43
CA GLU C 91 24.36 -18.42 -9.76
C GLU C 91 23.35 -19.14 -10.66
N GLU C 92 22.43 -19.89 -10.04
CA GLU C 92 21.35 -20.56 -10.77
C GLU C 92 20.34 -19.56 -11.37
N PHE C 93 20.23 -18.39 -10.76
CA PHE C 93 19.42 -17.30 -11.32
C PHE C 93 20.24 -16.49 -12.32
N ARG C 94 21.51 -16.23 -11.98
CA ARG C 94 22.38 -15.43 -12.85
C ARG C 94 22.59 -16.14 -14.18
N SER C 95 22.62 -17.46 -14.15
CA SER C 95 22.83 -18.25 -15.35
C SER C 95 21.56 -18.33 -16.23
N ILE C 96 20.46 -17.78 -15.74
CA ILE C 96 19.27 -17.62 -16.58
C ILE C 96 18.84 -16.16 -16.64
N ASN C 97 19.83 -15.28 -16.61
CA ASN C 97 19.62 -13.86 -16.83
C ASN C 97 18.60 -13.26 -15.83
N THR C 98 18.72 -13.67 -14.57
CA THR C 98 17.78 -13.26 -13.51
C THR C 98 18.53 -12.73 -12.29
N GLU C 99 18.08 -11.59 -11.78
CA GLU C 99 18.62 -11.05 -10.53
C GLU C 99 17.61 -11.24 -9.39
N VAL C 100 18.09 -11.09 -8.16
CA VAL C 100 17.27 -11.23 -6.94
C VAL C 100 17.49 -10.01 -6.05
N VAL C 101 16.39 -9.39 -5.63
CA VAL C 101 16.42 -8.30 -4.67
C VAL C 101 15.47 -8.59 -3.51
N ALA C 102 15.99 -8.48 -2.30
CA ALA C 102 15.19 -8.60 -1.10
C ALA C 102 14.93 -7.22 -0.50
N CYS C 103 13.81 -7.08 0.21
CA CYS C 103 13.39 -5.81 0.78
C CYS C 103 12.64 -5.95 2.13
N SER C 104 12.94 -5.05 3.06
CA SER C 104 12.11 -4.90 4.24
C SER C 104 12.01 -3.41 4.53
N VAL C 105 11.08 -3.08 5.45
CA VAL C 105 10.88 -1.71 5.91
C VAL C 105 12.03 -1.16 6.76
N ASP C 106 12.96 -2.01 7.20
CA ASP C 106 14.13 -1.56 7.95
C ASP C 106 14.98 -0.58 7.14
N SER C 107 15.75 0.26 7.86
CA SER C 107 16.61 1.22 7.22
C SER C 107 17.85 0.52 6.68
N GLN C 108 18.59 1.21 5.82
CA GLN C 108 19.81 0.65 5.26
C GLN C 108 20.84 0.44 6.35
N PHE C 109 20.84 1.31 7.35
CA PHE C 109 21.79 1.14 8.46
C PHE C 109 21.51 -0.15 9.21
N THR C 110 20.23 -0.44 9.46
CA THR C 110 19.86 -1.71 10.09
C THR C 110 20.25 -2.88 9.18
N HIS C 111 20.00 -2.75 7.89
CA HIS C 111 20.43 -3.81 6.93
C HIS C 111 21.93 -4.10 7.04
N LEU C 112 22.74 -3.05 7.02
CA LEU C 112 24.20 -3.22 7.08
C LEU C 112 24.65 -3.86 8.39
N ALA C 113 24.03 -3.46 9.49
CA ALA C 113 24.37 -4.02 10.79
C ALA C 113 23.99 -5.49 10.86
N TRP C 114 22.86 -5.84 10.24
CA TRP C 114 22.37 -7.22 10.26
C TRP C 114 23.30 -8.11 9.47
N ILE C 115 23.78 -7.61 8.35
CA ILE C 115 24.77 -8.28 7.52
C ILE C 115 26.09 -8.45 8.29
N ASN C 116 26.51 -7.38 8.98
CA ASN C 116 27.75 -7.41 9.76
C ASN C 116 27.63 -8.16 11.08
N THR C 117 26.48 -8.76 11.33
CA THR C 117 26.35 -9.63 12.50
C THR C 117 26.51 -11.07 12.02
N PRO C 118 27.41 -11.83 12.67
CA PRO C 118 27.63 -13.23 12.25
C PRO C 118 26.37 -14.07 12.45
N ARG C 119 26.09 -14.93 11.49
CA ARG C 119 24.92 -15.82 11.51
C ARG C 119 24.76 -16.52 12.86
N ARG C 120 25.87 -16.97 13.42
CA ARG C 120 25.91 -17.57 14.76
C ARG C 120 25.10 -16.78 15.79
N GLN C 121 25.24 -15.44 15.76
CA GLN C 121 24.62 -14.55 16.74
C GLN C 121 23.28 -13.95 16.31
N GLY C 122 22.60 -14.58 15.34
CA GLY C 122 21.30 -14.10 14.86
C GLY C 122 21.36 -13.11 13.70
N GLY C 123 22.57 -12.85 13.19
CA GLY C 123 22.78 -11.96 12.06
C GLY C 123 22.56 -12.65 10.73
N LEU C 124 22.63 -11.88 9.66
CA LEU C 124 22.52 -12.44 8.33
C LEU C 124 23.87 -12.97 7.86
N GLY C 125 24.93 -12.29 8.28
CA GLY C 125 26.27 -12.57 7.74
C GLY C 125 26.36 -12.04 6.33
N PRO C 126 27.57 -12.10 5.74
CA PRO C 126 27.78 -11.54 4.38
C PRO C 126 26.79 -12.18 3.41
N ILE C 127 26.33 -11.41 2.42
CA ILE C 127 25.30 -11.89 1.53
C ILE C 127 25.51 -11.35 0.12
N ARG C 128 25.02 -12.08 -0.88
CA ARG C 128 25.23 -11.71 -2.30
C ARG C 128 24.03 -10.97 -2.92
N ILE C 129 22.87 -11.11 -2.29
CA ILE C 129 21.65 -10.36 -2.65
C ILE C 129 21.68 -8.94 -2.05
N PRO C 130 21.28 -7.93 -2.84
CA PRO C 130 21.02 -6.59 -2.31
C PRO C 130 19.88 -6.60 -1.28
N LEU C 131 20.07 -5.85 -0.20
CA LEU C 131 19.00 -5.62 0.76
C LEU C 131 18.49 -4.22 0.60
N LEU C 132 17.32 -4.09 0.01
CA LEU C 132 16.67 -2.80 -0.19
C LEU C 132 15.94 -2.30 1.07
N SER C 133 16.06 -1.02 1.33
CA SER C 133 15.37 -0.44 2.46
C SER C 133 14.09 0.27 2.02
N ASP C 134 12.98 -0.02 2.69
CA ASP C 134 11.76 0.71 2.40
C ASP C 134 11.26 1.45 3.63
N LEU C 135 12.15 2.31 4.15
CA LEU C 135 11.89 3.10 5.35
C LEU C 135 10.61 3.91 5.28
N THR C 136 10.32 4.47 4.10
CA THR C 136 9.14 5.35 3.98
C THR C 136 7.84 4.55 3.89
N HIS C 137 7.98 3.25 3.67
CA HIS C 137 6.85 2.32 3.46
C HIS C 137 6.18 2.43 2.10
N GLN C 138 6.61 3.38 1.27
CA GLN C 138 5.90 3.58 0.01
C GLN C 138 5.97 2.40 -0.96
N ILE C 139 7.12 1.72 -0.99
CA ILE C 139 7.30 0.58 -1.88
C ILE C 139 6.42 -0.58 -1.48
N SER C 140 6.40 -0.90 -0.20
CA SER C 140 5.52 -1.91 0.36
C SER C 140 4.05 -1.61 0.05
N LYS C 141 3.66 -0.35 0.20
CA LYS C 141 2.29 0.03 -0.11
C LYS C 141 2.00 -0.14 -1.60
N ASP C 142 2.95 0.26 -2.45
CA ASP C 142 2.75 0.14 -3.91
C ASP C 142 2.68 -1.31 -4.37
N TYR C 143 3.27 -2.21 -3.60
CA TYR C 143 3.22 -3.62 -3.90
C TYR C 143 2.14 -4.37 -3.14
N GLY C 144 1.36 -3.67 -2.34
CA GLY C 144 0.26 -4.28 -1.60
C GLY C 144 0.68 -5.33 -0.59
N VAL C 145 1.86 -5.15 0.00
CA VAL C 145 2.39 -6.13 0.97
C VAL C 145 2.52 -5.52 2.37
N TYR C 146 2.25 -4.23 2.47
CA TYR C 146 2.38 -3.54 3.74
C TYR C 146 1.24 -3.90 4.70
N LEU C 147 1.58 -4.07 5.98
CA LEU C 147 0.60 -4.33 7.06
C LEU C 147 0.43 -3.11 7.96
N GLU C 148 -0.66 -2.37 7.76
CA GLU C 148 -0.91 -1.10 8.45
C GLU C 148 -0.81 -1.15 9.97
N ASP C 149 -1.19 -2.26 10.58
CA ASP C 149 -1.20 -2.33 12.04
C ASP C 149 0.11 -2.86 12.63
N SER C 150 0.92 -3.52 11.80
CA SER C 150 2.22 -4.02 12.26
C SER C 150 3.35 -3.08 11.94
N GLY C 151 3.20 -2.28 10.89
CA GLY C 151 4.27 -1.43 10.42
C GLY C 151 5.35 -2.11 9.61
N HIS C 152 5.12 -3.34 9.17
CA HIS C 152 6.06 -3.99 8.25
C HIS C 152 5.29 -4.80 7.20
N THR C 153 6.02 -5.56 6.38
CA THR C 153 5.38 -6.28 5.29
C THR C 153 5.05 -7.70 5.70
N LEU C 154 4.19 -8.36 4.94
CA LEU C 154 4.12 -9.81 4.99
C LEU C 154 5.19 -10.38 4.09
N ARG C 155 5.21 -11.71 3.92
CA ARG C 155 6.16 -12.31 2.98
C ARG C 155 5.57 -12.29 1.58
N GLY C 156 6.06 -11.36 0.76
CA GLY C 156 5.58 -11.18 -0.60
C GLY C 156 6.70 -11.36 -1.61
N LEU C 157 6.37 -11.93 -2.78
CA LEU C 157 7.38 -12.18 -3.80
C LEU C 157 6.80 -11.88 -5.19
N PHE C 158 7.61 -11.23 -6.02
CA PHE C 158 7.15 -10.74 -7.30
C PHE C 158 8.10 -11.13 -8.39
N ILE C 159 7.58 -11.64 -9.49
CA ILE C 159 8.44 -11.96 -10.64
C ILE C 159 8.18 -10.97 -11.73
N ILE C 160 9.23 -10.27 -12.08
CA ILE C 160 9.16 -9.17 -13.00
C ILE C 160 10.01 -9.57 -14.19
N ASP C 161 9.48 -9.42 -15.39
CA ASP C 161 10.25 -9.78 -16.58
C ASP C 161 11.23 -8.68 -17.05
N ASP C 162 12.00 -9.00 -18.08
CA ASP C 162 13.03 -8.12 -18.65
C ASP C 162 12.50 -6.81 -19.25
N LYS C 163 11.22 -6.82 -19.60
CA LYS C 163 10.55 -5.61 -20.09
C LYS C 163 9.89 -4.83 -18.95
N GLY C 164 10.14 -5.24 -17.71
CA GLY C 164 9.55 -4.56 -16.56
C GLY C 164 8.09 -4.87 -16.30
N ILE C 165 7.55 -5.87 -16.98
CA ILE C 165 6.18 -6.32 -16.78
C ILE C 165 6.11 -7.31 -15.63
N LEU C 166 5.11 -7.14 -14.78
CA LEU C 166 4.89 -8.03 -13.64
C LEU C 166 4.23 -9.33 -14.10
N ARG C 167 4.86 -10.46 -13.82
CA ARG C 167 4.35 -11.75 -14.28
C ARG C 167 3.72 -12.60 -13.16
N GLN C 168 4.12 -12.37 -11.91
CA GLN C 168 3.77 -13.30 -10.83
C GLN C 168 3.71 -12.59 -9.48
N ILE C 169 2.71 -12.95 -8.67
CA ILE C 169 2.53 -12.41 -7.33
C ILE C 169 2.29 -13.57 -6.36
N THR C 170 3.17 -13.68 -5.38
CA THR C 170 3.07 -14.68 -4.32
C THR C 170 3.04 -13.92 -2.97
N LEU C 171 1.98 -14.13 -2.20
CA LEU C 171 1.80 -13.47 -0.92
C LEU C 171 1.56 -14.52 0.17
N ASN C 172 2.49 -14.59 1.13
CA ASN C 172 2.39 -15.54 2.24
C ASN C 172 2.16 -14.83 3.55
N ASP C 173 1.23 -15.37 4.34
CA ASP C 173 1.13 -14.98 5.75
C ASP C 173 2.48 -15.18 6.41
N LEU C 174 2.75 -14.36 7.42
CA LEU C 174 4.08 -14.22 8.02
C LEU C 174 4.90 -15.50 8.26
N PRO C 175 4.29 -16.55 8.87
CA PRO C 175 5.11 -17.70 9.28
C PRO C 175 5.77 -18.46 8.14
N VAL C 176 5.24 -18.36 6.94
CA VAL C 176 5.65 -19.27 5.87
C VAL C 176 6.55 -18.59 4.82
N GLY C 177 7.72 -19.18 4.65
CA GLY C 177 8.70 -18.72 3.69
C GLY C 177 8.52 -19.27 2.30
N ARG C 178 9.56 -19.05 1.51
CA ARG C 178 9.53 -19.22 0.08
C ARG C 178 10.54 -20.25 -0.38
N SER C 179 10.25 -20.88 -1.52
CA SER C 179 11.11 -21.92 -2.07
C SER C 179 11.87 -21.39 -3.28
N VAL C 180 13.18 -21.61 -3.27
CA VAL C 180 14.04 -21.22 -4.40
C VAL C 180 13.71 -22.10 -5.61
N ASP C 181 13.46 -23.39 -5.38
CA ASP C 181 13.07 -24.28 -6.49
C ASP C 181 11.82 -23.77 -7.18
N GLU C 182 10.79 -23.44 -6.39
CA GLU C 182 9.55 -22.97 -6.97
C GLU C 182 9.78 -21.72 -7.78
N THR C 183 10.53 -20.79 -7.21
CA THR C 183 10.81 -19.50 -7.84
C THR C 183 11.56 -19.71 -9.14
N LEU C 184 12.52 -20.63 -9.10
CA LEU C 184 13.34 -20.97 -10.25
C LEU C 184 12.41 -21.55 -11.32
N ARG C 185 11.50 -22.43 -10.91
CA ARG C 185 10.56 -23.03 -11.84
C ARG C 185 9.70 -21.98 -12.53
N LEU C 186 9.23 -20.99 -11.76
CA LEU C 186 8.37 -19.97 -12.33
C LEU C 186 9.15 -19.06 -13.28
N VAL C 187 10.37 -18.67 -12.89
CA VAL C 187 11.18 -17.84 -13.79
C VAL C 187 11.39 -18.56 -15.12
N GLN C 188 11.82 -19.82 -15.05
CA GLN C 188 12.10 -20.64 -16.22
C GLN C 188 10.86 -20.84 -17.09
N ALA C 189 9.71 -20.99 -16.46
CA ALA C 189 8.48 -21.20 -17.21
C ALA C 189 8.08 -19.93 -17.95
N PHE C 190 8.34 -18.77 -17.36
CA PHE C 190 7.95 -17.51 -18.00
C PHE C 190 8.87 -17.22 -19.17
N GLN C 191 10.13 -17.63 -19.04
CA GLN C 191 11.14 -17.37 -20.06
C GLN C 191 10.93 -18.30 -21.25
N TYR C 192 10.58 -19.56 -20.94
CA TYR C 192 10.23 -20.53 -21.96
C TYR C 192 9.05 -20.03 -22.78
N THR C 193 7.99 -19.60 -22.11
CA THR C 193 6.79 -19.13 -22.77
C THR C 193 7.01 -17.84 -23.55
N ASP C 194 7.83 -16.94 -23.00
CA ASP C 194 8.29 -15.77 -23.72
C ASP C 194 8.79 -16.19 -25.10
N LYS C 195 9.84 -17.01 -25.12
CA LYS C 195 10.56 -17.37 -26.35
C LYS C 195 9.75 -18.31 -27.25
N HIS C 196 9.34 -19.45 -26.73
CA HIS C 196 8.66 -20.47 -27.52
C HIS C 196 7.18 -20.11 -27.76
N GLY C 197 6.96 -19.00 -28.47
CA GLY C 197 5.62 -18.58 -28.90
C GLY C 197 4.75 -18.03 -27.78
N GLY D 32 -11.90 -6.39 -5.42
CA GLY D 32 -11.00 -7.41 -4.85
C GLY D 32 -10.92 -7.27 -3.34
N THR D 33 -11.59 -8.18 -2.63
CA THR D 33 -11.70 -8.10 -1.17
C THR D 33 -10.92 -9.20 -0.46
N ALA D 34 -10.04 -9.88 -1.19
CA ALA D 34 -9.26 -10.98 -0.63
C ALA D 34 -8.00 -10.45 0.02
N LYS D 35 -7.88 -10.66 1.34
CA LYS D 35 -6.77 -10.15 2.13
C LYS D 35 -6.18 -11.24 3.03
N ILE D 36 -4.86 -11.44 2.92
CA ILE D 36 -4.15 -12.33 3.82
C ILE D 36 -4.54 -12.01 5.26
N SER D 37 -4.78 -13.06 6.05
CA SER D 37 -5.12 -12.99 7.48
C SER D 37 -6.51 -12.40 7.80
N LYS D 38 -7.26 -12.06 6.75
CA LYS D 38 -8.68 -11.73 6.87
C LYS D 38 -9.51 -12.94 6.38
N PRO D 39 -10.78 -13.06 6.83
CA PRO D 39 -11.62 -14.13 6.28
C PRO D 39 -11.69 -14.05 4.75
N ALA D 40 -11.57 -15.19 4.11
CA ALA D 40 -11.67 -15.28 2.66
C ALA D 40 -13.06 -14.85 2.23
N PRO D 41 -13.14 -14.08 1.14
CA PRO D 41 -14.44 -13.68 0.65
C PRO D 41 -15.34 -14.89 0.47
N TYR D 42 -16.55 -14.80 1.04
CA TYR D 42 -17.58 -15.80 0.87
C TYR D 42 -17.92 -16.02 -0.60
N TRP D 43 -18.12 -17.26 -0.99
CA TRP D 43 -18.61 -17.54 -2.33
C TRP D 43 -19.56 -18.70 -2.30
N GLU D 44 -20.45 -18.75 -3.28
CA GLU D 44 -21.36 -19.85 -3.44
C GLU D 44 -21.69 -19.88 -4.90
N GLY D 45 -22.00 -21.08 -5.42
CA GLY D 45 -22.51 -21.24 -6.76
C GLY D 45 -22.72 -22.71 -7.06
N THR D 46 -23.16 -23.01 -8.27
CA THR D 46 -23.28 -24.39 -8.71
C THR D 46 -21.92 -24.96 -9.13
N ALA D 47 -21.61 -26.16 -8.62
CA ALA D 47 -20.42 -26.91 -8.97
C ALA D 47 -20.79 -28.28 -9.54
N VAL D 48 -19.88 -28.87 -10.32
CA VAL D 48 -20.05 -30.25 -10.77
C VAL D 48 -19.26 -31.14 -9.83
N ILE D 49 -19.99 -31.92 -9.03
CA ILE D 49 -19.39 -32.86 -8.10
C ILE D 49 -19.79 -34.28 -8.46
N ASP D 50 -18.80 -35.06 -8.87
CA ASP D 50 -18.98 -36.39 -9.44
C ASP D 50 -20.20 -36.41 -10.39
N GLY D 51 -20.08 -35.61 -11.46
CA GLY D 51 -21.03 -35.58 -12.56
C GLY D 51 -22.40 -35.01 -12.27
N GLU D 52 -22.57 -34.39 -11.10
CA GLU D 52 -23.87 -33.82 -10.74
C GLU D 52 -23.78 -32.33 -10.36
N PHE D 53 -24.90 -31.63 -10.49
CA PHE D 53 -24.97 -30.24 -10.07
C PHE D 53 -25.31 -30.16 -8.60
N LYS D 54 -24.43 -29.52 -7.83
CA LYS D 54 -24.64 -29.32 -6.41
C LYS D 54 -24.32 -27.87 -6.09
N GLU D 55 -25.13 -27.26 -5.23
CA GLU D 55 -24.80 -25.95 -4.73
C GLU D 55 -23.67 -26.15 -3.74
N LEU D 56 -22.69 -25.25 -3.79
CA LEU D 56 -21.50 -25.36 -2.99
C LEU D 56 -21.16 -23.99 -2.44
N LYS D 57 -20.62 -23.95 -1.23
CA LYS D 57 -20.21 -22.68 -0.64
C LYS D 57 -18.94 -22.79 0.14
N LEU D 58 -18.24 -21.66 0.24
CA LEU D 58 -17.07 -21.59 1.09
C LEU D 58 -17.30 -22.19 2.50
N THR D 59 -18.44 -21.86 3.11
CA THR D 59 -18.71 -22.31 4.48
C THR D 59 -18.78 -23.83 4.63
N ASP D 60 -19.19 -24.55 3.59
CA ASP D 60 -19.10 -26.01 3.60
C ASP D 60 -17.69 -26.55 3.92
N TYR D 61 -16.65 -25.72 3.80
CA TYR D 61 -15.26 -26.15 4.05
C TYR D 61 -14.70 -25.84 5.43
N ARG D 62 -15.48 -25.13 6.23
CA ARG D 62 -15.16 -24.87 7.62
C ARG D 62 -14.73 -26.19 8.29
N GLY D 63 -13.60 -26.16 9.00
CA GLY D 63 -13.08 -27.37 9.65
C GLY D 63 -11.92 -27.97 8.90
N LYS D 64 -11.78 -27.63 7.62
CA LYS D 64 -10.69 -28.16 6.80
C LYS D 64 -9.94 -27.02 6.15
N TYR D 65 -8.67 -27.25 5.81
CA TYR D 65 -7.99 -26.37 4.87
C TYR D 65 -8.61 -26.50 3.47
N LEU D 66 -8.65 -25.40 2.73
CA LEU D 66 -9.14 -25.43 1.36
C LEU D 66 -8.13 -24.82 0.37
N VAL D 67 -7.77 -25.59 -0.66
CA VAL D 67 -7.05 -25.02 -1.81
C VAL D 67 -8.09 -24.65 -2.85
N PHE D 68 -8.15 -23.36 -3.17
CA PHE D 68 -9.22 -22.81 -4.02
C PHE D 68 -8.50 -22.11 -5.16
N PHE D 69 -8.67 -22.62 -6.37
CA PHE D 69 -7.90 -22.06 -7.47
C PHE D 69 -8.72 -21.86 -8.70
N PHE D 70 -8.35 -20.84 -9.44
CA PHE D 70 -9.01 -20.43 -10.65
C PHE D 70 -8.15 -20.84 -11.83
N TYR D 71 -8.81 -21.32 -12.88
CA TYR D 71 -8.16 -21.54 -14.18
C TYR D 71 -9.03 -20.79 -15.20
N PRO D 72 -8.46 -20.45 -16.37
CA PRO D 72 -9.12 -19.59 -17.35
C PRO D 72 -10.38 -20.14 -18.03
N LEU D 73 -10.26 -21.23 -18.80
CA LEU D 73 -11.39 -21.68 -19.62
C LEU D 73 -11.38 -23.17 -19.85
N ASP D 74 -12.55 -23.78 -19.80
CA ASP D 74 -12.72 -25.15 -20.28
C ASP D 74 -12.50 -25.25 -21.79
N PHE D 75 -12.15 -26.44 -22.25
CA PHE D 75 -12.15 -26.75 -23.68
C PHE D 75 -11.14 -25.97 -24.53
N THR D 76 -10.05 -25.47 -23.93
CA THR D 76 -9.00 -24.79 -24.74
C THR D 76 -8.06 -25.83 -25.34
N PHE D 77 -7.15 -25.42 -26.23
CA PHE D 77 -6.27 -26.40 -26.88
C PHE D 77 -4.97 -26.70 -26.12
N VAL D 78 -5.03 -26.56 -24.81
CA VAL D 78 -3.92 -26.86 -23.92
C VAL D 78 -4.42 -28.05 -23.13
N CYS D 79 -3.56 -29.03 -22.87
CA CYS D 79 -3.93 -30.11 -21.95
C CYS D 79 -4.07 -29.55 -20.53
N PRO D 80 -5.19 -29.88 -19.84
CA PRO D 80 -5.45 -29.31 -18.50
C PRO D 80 -4.64 -30.04 -17.43
N THR D 81 -3.33 -30.15 -17.67
CA THR D 81 -2.42 -30.96 -16.86
C THR D 81 -2.52 -30.60 -15.38
N GLU D 82 -2.66 -29.31 -15.13
CA GLU D 82 -2.61 -28.77 -13.78
C GLU D 82 -3.84 -29.13 -12.94
N ILE D 83 -5.02 -29.13 -13.54
CA ILE D 83 -6.24 -29.56 -12.88
C ILE D 83 -6.20 -31.07 -12.62
N ILE D 84 -5.84 -31.81 -13.66
CA ILE D 84 -5.65 -33.24 -13.55
C ILE D 84 -4.70 -33.59 -12.38
N ALA D 85 -3.56 -32.92 -12.31
CA ALA D 85 -2.61 -33.15 -11.21
C ALA D 85 -3.24 -33.06 -9.80
N PHE D 86 -3.98 -31.98 -9.53
CA PHE D 86 -4.63 -31.84 -8.23
C PHE D 86 -5.67 -32.95 -7.97
N GLY D 87 -6.37 -33.35 -9.02
CA GLY D 87 -7.37 -34.41 -8.90
C GLY D 87 -6.71 -35.76 -8.67
N ASP D 88 -5.62 -36.01 -9.38
CA ASP D 88 -4.97 -37.30 -9.33
C ASP D 88 -4.20 -37.51 -8.04
N ARG D 89 -3.79 -36.42 -7.39
CA ARG D 89 -3.04 -36.46 -6.15
C ARG D 89 -3.91 -35.97 -5.00
N LEU D 90 -5.22 -36.01 -5.20
CA LEU D 90 -6.15 -35.49 -4.19
C LEU D 90 -5.94 -36.04 -2.77
N GLU D 91 -5.67 -37.35 -2.64
CA GLU D 91 -5.40 -37.94 -1.32
C GLU D 91 -4.22 -37.32 -0.56
N GLU D 92 -3.22 -36.78 -1.27
CA GLU D 92 -2.15 -36.05 -0.59
C GLU D 92 -2.68 -34.80 0.13
N PHE D 93 -3.77 -34.26 -0.37
CA PHE D 93 -4.49 -33.20 0.31
C PHE D 93 -5.47 -33.70 1.38
N ARG D 94 -6.31 -34.68 1.04
CA ARG D 94 -7.32 -35.15 2.02
C ARG D 94 -6.73 -35.80 3.26
N SER D 95 -5.55 -36.40 3.13
CA SER D 95 -4.90 -37.06 4.27
C SER D 95 -4.24 -36.06 5.21
N ILE D 96 -4.31 -34.78 4.87
CA ILE D 96 -3.86 -33.72 5.77
C ILE D 96 -4.96 -32.69 5.92
N ASN D 97 -6.19 -33.20 5.92
CA ASN D 97 -7.38 -32.42 6.28
C ASN D 97 -7.60 -31.24 5.33
N THR D 98 -7.37 -31.47 4.05
CA THR D 98 -7.45 -30.39 3.07
C THR D 98 -8.30 -30.77 1.87
N GLU D 99 -9.18 -29.86 1.43
CA GLU D 99 -9.91 -30.06 0.18
C GLU D 99 -9.39 -29.15 -0.92
N VAL D 100 -9.79 -29.46 -2.15
CA VAL D 100 -9.45 -28.68 -3.31
C VAL D 100 -10.70 -28.37 -4.13
N VAL D 101 -10.85 -27.11 -4.52
CA VAL D 101 -11.97 -26.70 -5.34
C VAL D 101 -11.45 -25.90 -6.54
N ALA D 102 -11.81 -26.29 -7.76
CA ALA D 102 -11.42 -25.49 -8.94
C ALA D 102 -12.58 -24.67 -9.43
N CYS D 103 -12.26 -23.56 -10.09
CA CYS D 103 -13.23 -22.60 -10.58
C CYS D 103 -12.80 -21.93 -11.88
N SER D 104 -13.74 -21.81 -12.83
CA SER D 104 -13.58 -20.87 -13.94
C SER D 104 -14.95 -20.20 -14.18
N VAL D 105 -14.95 -19.27 -15.12
CA VAL D 105 -16.16 -18.51 -15.44
C VAL D 105 -17.14 -19.29 -16.28
N ASP D 106 -16.75 -20.49 -16.75
CA ASP D 106 -17.68 -21.34 -17.51
C ASP D 106 -18.93 -21.74 -16.64
N SER D 107 -20.02 -22.04 -17.34
CA SER D 107 -21.24 -22.50 -16.73
C SER D 107 -20.98 -23.91 -16.25
N GLN D 108 -21.83 -24.38 -15.35
CA GLN D 108 -21.75 -25.75 -14.86
C GLN D 108 -22.00 -26.75 -15.98
N PHE D 109 -22.84 -26.36 -16.96
CA PHE D 109 -23.12 -27.22 -18.12
C PHE D 109 -21.84 -27.39 -18.99
N THR D 110 -20.97 -26.39 -19.03
CA THR D 110 -19.76 -26.52 -19.84
C THR D 110 -18.80 -27.41 -19.05
N HIS D 111 -18.80 -27.22 -17.73
CA HIS D 111 -17.97 -28.01 -16.82
C HIS D 111 -18.30 -29.49 -16.97
N LEU D 112 -19.58 -29.83 -16.83
CA LEU D 112 -20.04 -31.21 -17.03
C LEU D 112 -19.59 -31.79 -18.38
N ALA D 113 -19.82 -31.06 -19.46
CA ALA D 113 -19.42 -31.56 -20.79
C ALA D 113 -17.93 -31.80 -20.89
N TRP D 114 -17.13 -30.94 -20.27
CA TRP D 114 -15.68 -31.04 -20.30
C TRP D 114 -15.17 -32.25 -19.54
N ILE D 115 -15.85 -32.51 -18.42
CA ILE D 115 -15.65 -33.69 -17.59
C ILE D 115 -15.99 -34.97 -18.38
N ASN D 116 -17.11 -34.94 -19.11
CA ASN D 116 -17.51 -36.06 -19.97
C ASN D 116 -16.73 -36.12 -21.31
N THR D 117 -15.69 -35.28 -21.47
CA THR D 117 -14.78 -35.40 -22.59
C THR D 117 -13.50 -36.10 -22.09
N PRO D 118 -13.13 -37.24 -22.71
CA PRO D 118 -11.98 -38.02 -22.20
C PRO D 118 -10.65 -37.30 -22.40
N ARG D 119 -9.70 -37.54 -21.49
CA ARG D 119 -8.39 -36.89 -21.54
C ARG D 119 -7.64 -37.13 -22.84
N ARG D 120 -7.99 -38.23 -23.53
CA ARG D 120 -7.44 -38.57 -24.84
C ARG D 120 -7.86 -37.53 -25.89
N GLN D 121 -9.00 -36.88 -25.65
CA GLN D 121 -9.48 -35.80 -26.53
C GLN D 121 -9.36 -34.42 -25.89
N GLY D 122 -8.38 -34.26 -24.99
CA GLY D 122 -8.13 -32.98 -24.32
C GLY D 122 -9.23 -32.52 -23.36
N GLY D 123 -10.09 -33.44 -22.95
CA GLY D 123 -11.09 -33.16 -21.93
C GLY D 123 -10.47 -33.42 -20.58
N LEU D 124 -11.28 -33.35 -19.55
CA LEU D 124 -10.79 -33.61 -18.20
C LEU D 124 -10.85 -35.07 -17.85
N GLY D 125 -11.83 -35.77 -18.41
CA GLY D 125 -12.21 -37.08 -17.90
C GLY D 125 -12.82 -36.90 -16.50
N PRO D 126 -13.25 -38.01 -15.88
CA PRO D 126 -13.88 -37.93 -14.57
C PRO D 126 -12.89 -37.33 -13.59
N ILE D 127 -13.40 -36.59 -12.61
CA ILE D 127 -12.55 -35.81 -11.70
C ILE D 127 -13.21 -35.80 -10.33
N ARG D 128 -12.38 -35.81 -9.30
CA ARG D 128 -12.83 -36.01 -7.93
C ARG D 128 -12.93 -34.70 -7.18
N ILE D 129 -12.43 -33.65 -7.82
CA ILE D 129 -12.44 -32.27 -7.32
C ILE D 129 -13.63 -31.50 -7.89
N PRO D 130 -14.33 -30.73 -7.05
CA PRO D 130 -15.46 -29.99 -7.57
C PRO D 130 -15.00 -28.96 -8.61
N LEU D 131 -15.77 -28.85 -9.69
CA LEU D 131 -15.63 -27.74 -10.63
C LEU D 131 -16.74 -26.71 -10.41
N LEU D 132 -16.37 -25.61 -9.78
CA LEU D 132 -17.28 -24.51 -9.50
C LEU D 132 -17.44 -23.61 -10.70
N SER D 133 -18.68 -23.22 -10.95
CA SER D 133 -18.98 -22.28 -11.99
C SER D 133 -19.07 -20.85 -11.46
N ASP D 134 -18.30 -19.95 -12.08
CA ASP D 134 -18.46 -18.50 -11.80
C ASP D 134 -19.06 -17.69 -12.97
N LEU D 135 -20.15 -18.20 -13.53
CA LEU D 135 -20.85 -17.52 -14.59
C LEU D 135 -21.06 -16.01 -14.45
N THR D 136 -21.37 -15.50 -13.26
CA THR D 136 -21.71 -14.08 -13.12
C THR D 136 -20.46 -13.25 -12.93
N HIS D 137 -19.34 -13.93 -12.74
CA HIS D 137 -18.02 -13.30 -12.52
C HIS D 137 -17.83 -12.68 -11.16
N GLN D 138 -18.83 -12.76 -10.30
CA GLN D 138 -18.74 -12.14 -8.99
C GLN D 138 -17.65 -12.79 -8.13
N ILE D 139 -17.55 -14.10 -8.20
CA ILE D 139 -16.56 -14.77 -7.38
C ILE D 139 -15.14 -14.37 -7.86
N SER D 140 -14.91 -14.35 -9.17
CA SER D 140 -13.59 -13.94 -9.69
C SER D 140 -13.24 -12.52 -9.32
N LYS D 141 -14.25 -11.64 -9.31
CA LYS D 141 -14.00 -10.25 -9.00
C LYS D 141 -13.68 -10.08 -7.53
N ASP D 142 -14.49 -10.73 -6.67
CA ASP D 142 -14.24 -10.73 -5.21
C ASP D 142 -12.87 -11.27 -4.87
N TYR D 143 -12.33 -12.16 -5.70
CA TYR D 143 -11.00 -12.72 -5.47
C TYR D 143 -9.89 -11.97 -6.21
N GLY D 144 -10.23 -10.91 -6.92
CA GLY D 144 -9.23 -10.12 -7.66
C GLY D 144 -8.49 -10.83 -8.80
N VAL D 145 -9.17 -11.79 -9.46
CA VAL D 145 -8.54 -12.64 -10.47
C VAL D 145 -9.22 -12.48 -11.84
N TYR D 146 -10.34 -11.79 -11.86
CA TYR D 146 -11.02 -11.50 -13.10
C TYR D 146 -10.25 -10.55 -14.03
N LEU D 147 -10.25 -10.87 -15.32
CA LEU D 147 -9.67 -9.99 -16.35
C LEU D 147 -10.78 -9.31 -17.12
N GLU D 148 -10.96 -8.01 -16.88
CA GLU D 148 -12.04 -7.26 -17.50
C GLU D 148 -12.08 -7.38 -19.04
N ASP D 149 -10.93 -7.29 -19.70
CA ASP D 149 -10.93 -7.28 -21.16
C ASP D 149 -11.04 -8.67 -21.85
N SER D 150 -10.75 -9.74 -21.12
CA SER D 150 -10.86 -11.09 -21.67
C SER D 150 -12.15 -11.79 -21.28
N GLY D 151 -12.69 -11.44 -20.11
CA GLY D 151 -13.89 -12.07 -19.60
C GLY D 151 -13.66 -13.41 -18.93
N HIS D 152 -12.43 -13.69 -18.52
CA HIS D 152 -12.16 -14.93 -17.79
C HIS D 152 -11.15 -14.57 -16.75
N THR D 153 -10.68 -15.53 -15.97
CA THR D 153 -9.73 -15.22 -14.93
C THR D 153 -8.30 -15.51 -15.42
N LEU D 154 -7.31 -15.07 -14.64
CA LEU D 154 -5.96 -15.60 -14.77
C LEU D 154 -5.76 -16.81 -13.84
N ARG D 155 -4.53 -17.28 -13.69
CA ARG D 155 -4.30 -18.39 -12.78
C ARG D 155 -4.01 -17.91 -11.36
N GLY D 156 -5.01 -18.05 -10.50
CA GLY D 156 -4.91 -17.60 -9.13
C GLY D 156 -5.28 -18.74 -8.22
N LEU D 157 -4.53 -18.88 -7.14
CA LEU D 157 -4.68 -19.94 -6.20
C LEU D 157 -4.65 -19.35 -4.79
N PHE D 158 -5.54 -19.85 -3.94
CA PHE D 158 -5.74 -19.34 -2.59
C PHE D 158 -5.75 -20.48 -1.59
N ILE D 159 -5.03 -20.29 -0.50
CA ILE D 159 -5.03 -21.30 0.55
C ILE D 159 -5.77 -20.72 1.73
N ILE D 160 -6.86 -21.38 2.08
CA ILE D 160 -7.80 -20.92 3.14
C ILE D 160 -7.74 -21.91 4.27
N ASP D 161 -7.45 -21.43 5.48
CA ASP D 161 -7.38 -22.36 6.63
C ASP D 161 -8.75 -22.83 7.14
N ASP D 162 -8.75 -23.75 8.09
CA ASP D 162 -9.97 -24.35 8.65
C ASP D 162 -10.88 -23.35 9.39
N LYS D 163 -10.31 -22.19 9.74
CA LYS D 163 -11.08 -21.14 10.40
C LYS D 163 -11.68 -20.18 9.36
N GLY D 164 -11.41 -20.46 8.08
CA GLY D 164 -11.94 -19.68 6.97
C GLY D 164 -11.08 -18.46 6.66
N ILE D 165 -9.88 -18.41 7.22
CA ILE D 165 -8.98 -17.26 7.04
C ILE D 165 -8.02 -17.48 5.86
N LEU D 166 -7.84 -16.45 5.02
CA LEU D 166 -6.93 -16.54 3.89
C LEU D 166 -5.49 -16.49 4.35
N ARG D 167 -4.68 -17.47 3.93
CA ARG D 167 -3.28 -17.55 4.37
C ARG D 167 -2.27 -17.32 3.23
N GLN D 168 -2.72 -17.49 1.99
CA GLN D 168 -1.80 -17.50 0.88
C GLN D 168 -2.55 -17.12 -0.39
N ILE D 169 -1.88 -16.33 -1.22
CA ILE D 169 -2.35 -15.88 -2.52
C ILE D 169 -1.21 -16.09 -3.52
N THR D 170 -1.52 -16.84 -4.58
CA THR D 170 -0.64 -17.06 -5.70
C THR D 170 -1.39 -16.63 -6.94
N LEU D 171 -0.81 -15.70 -7.70
CA LEU D 171 -1.38 -15.19 -8.93
C LEU D 171 -0.31 -15.30 -10.02
N ASN D 172 -0.66 -16.05 -11.06
CA ASN D 172 0.20 -16.33 -12.20
C ASN D 172 -0.39 -15.76 -13.46
N ASP D 173 0.44 -15.08 -14.25
CA ASP D 173 0.06 -14.74 -15.62
C ASP D 173 -0.32 -16.01 -16.40
N LEU D 174 -1.22 -15.87 -17.37
CA LEU D 174 -1.87 -17.02 -18.07
C LEU D 174 -1.01 -18.25 -18.41
N PRO D 175 0.14 -18.06 -19.07
CA PRO D 175 0.75 -19.26 -19.64
C PRO D 175 1.38 -20.21 -18.60
N VAL D 176 1.53 -19.74 -17.36
CA VAL D 176 2.29 -20.52 -16.38
C VAL D 176 1.39 -21.17 -15.30
N GLY D 177 1.51 -22.50 -15.18
CA GLY D 177 0.67 -23.24 -14.28
C GLY D 177 1.22 -23.38 -12.87
N ARG D 178 0.51 -24.16 -12.07
CA ARG D 178 0.81 -24.32 -10.66
C ARG D 178 1.33 -25.69 -10.30
N SER D 179 2.14 -25.74 -9.24
CA SER D 179 2.72 -26.98 -8.77
C SER D 179 1.93 -27.52 -7.58
N VAL D 180 1.51 -28.79 -7.68
CA VAL D 180 0.90 -29.51 -6.58
C VAL D 180 1.88 -29.66 -5.41
N ASP D 181 3.16 -29.90 -5.70
CA ASP D 181 4.20 -30.05 -4.67
C ASP D 181 4.40 -28.76 -3.89
N GLU D 182 4.41 -27.63 -4.61
CA GLU D 182 4.52 -26.34 -3.96
C GLU D 182 3.28 -26.05 -3.12
N THR D 183 2.11 -26.46 -3.60
CA THR D 183 0.87 -26.23 -2.83
C THR D 183 0.85 -27.07 -1.55
N LEU D 184 1.29 -28.32 -1.66
CA LEU D 184 1.43 -29.23 -0.53
C LEU D 184 2.39 -28.64 0.52
N ARG D 185 3.53 -28.15 0.06
CA ARG D 185 4.52 -27.56 0.95
C ARG D 185 3.92 -26.40 1.75
N LEU D 186 3.16 -25.54 1.05
CA LEU D 186 2.60 -24.38 1.69
C LEU D 186 1.53 -24.81 2.69
N VAL D 187 0.65 -25.73 2.29
CA VAL D 187 -0.39 -26.22 3.20
C VAL D 187 0.23 -26.85 4.46
N GLN D 188 1.24 -27.69 4.27
CA GLN D 188 1.90 -28.36 5.39
C GLN D 188 2.53 -27.33 6.34
N ALA D 189 3.12 -26.28 5.77
CA ALA D 189 3.77 -25.24 6.55
C ALA D 189 2.80 -24.41 7.42
N PHE D 190 1.65 -24.02 6.86
CA PHE D 190 0.63 -23.31 7.64
C PHE D 190 0.10 -24.20 8.76
N GLN D 191 -0.02 -25.49 8.47
CA GLN D 191 -0.49 -26.45 9.45
C GLN D 191 0.52 -26.66 10.57
N TYR D 192 1.80 -26.74 10.21
CA TYR D 192 2.87 -26.86 11.19
C TYR D 192 2.84 -25.63 12.11
N THR D 193 2.78 -24.47 11.47
CA THR D 193 2.65 -23.15 12.08
C THR D 193 1.44 -22.99 12.99
N ASP D 194 0.34 -23.63 12.62
CA ASP D 194 -0.89 -23.60 13.42
C ASP D 194 -0.72 -24.36 14.74
N LYS D 195 -0.06 -25.51 14.68
CA LYS D 195 0.05 -26.43 15.82
C LYS D 195 1.15 -25.97 16.79
N HIS D 196 2.29 -25.55 16.22
CA HIS D 196 3.44 -25.13 17.00
C HIS D 196 3.57 -23.60 17.08
N GLY D 197 2.70 -22.99 17.89
CA GLY D 197 2.72 -21.55 18.19
C GLY D 197 2.79 -20.62 16.98
N GLY E 32 -28.45 -1.01 -21.29
CA GLY E 32 -29.44 -1.05 -22.42
C GLY E 32 -29.31 0.19 -23.29
N THR E 33 -28.56 0.06 -24.40
CA THR E 33 -28.35 1.16 -25.33
C THR E 33 -29.18 0.95 -26.61
N ALA E 34 -29.61 -0.28 -26.84
CA ALA E 34 -30.36 -0.61 -28.04
C ALA E 34 -31.68 0.15 -28.06
N LYS E 35 -31.87 0.94 -29.10
CA LYS E 35 -33.07 1.75 -29.24
C LYS E 35 -33.50 1.72 -30.71
N ILE E 36 -34.80 1.47 -30.91
CA ILE E 36 -35.39 1.37 -32.26
C ILE E 36 -35.10 2.64 -33.06
N SER E 37 -34.86 2.45 -34.36
CA SER E 37 -34.55 3.52 -35.31
C SER E 37 -33.32 4.36 -34.91
N LYS E 38 -32.50 3.80 -34.02
CA LYS E 38 -31.18 4.32 -33.69
C LYS E 38 -30.13 3.28 -34.14
N PRO E 39 -28.88 3.71 -34.42
CA PRO E 39 -27.90 2.67 -34.80
C PRO E 39 -27.83 1.60 -33.70
N ALA E 40 -27.92 0.33 -34.10
CA ALA E 40 -27.71 -0.77 -33.20
C ALA E 40 -26.36 -0.70 -32.54
N PRO E 41 -26.30 -0.99 -31.22
CA PRO E 41 -25.02 -0.90 -30.54
C PRO E 41 -23.95 -1.76 -31.23
N TYR E 42 -22.79 -1.15 -31.42
CA TYR E 42 -21.64 -1.82 -32.01
C TYR E 42 -21.22 -3.01 -31.14
N TRP E 43 -21.00 -4.15 -31.75
CA TRP E 43 -20.28 -5.23 -31.07
C TRP E 43 -19.10 -5.78 -31.90
N GLU E 44 -18.12 -6.39 -31.23
CA GLU E 44 -17.07 -7.19 -31.85
C GLU E 44 -16.66 -8.35 -30.93
N GLY E 45 -16.24 -9.45 -31.53
CA GLY E 45 -15.67 -10.52 -30.76
C GLY E 45 -15.28 -11.70 -31.61
N THR E 46 -15.02 -12.83 -30.95
CA THR E 46 -14.71 -14.06 -31.64
C THR E 46 -15.94 -14.93 -31.80
N ALA E 47 -16.13 -15.38 -33.04
CA ALA E 47 -17.21 -16.28 -33.40
C ALA E 47 -16.62 -17.57 -33.93
N VAL E 48 -17.41 -18.63 -33.85
CA VAL E 48 -17.09 -19.87 -34.54
C VAL E 48 -17.86 -19.84 -35.85
N ILE E 49 -17.11 -19.84 -36.94
CA ILE E 49 -17.69 -19.85 -38.28
C ILE E 49 -17.09 -21.01 -39.08
N ASP E 50 -17.96 -21.90 -39.55
CA ASP E 50 -17.54 -23.11 -40.24
C ASP E 50 -16.40 -23.83 -39.48
N GLY E 51 -16.57 -24.01 -38.18
CA GLY E 51 -15.58 -24.74 -37.36
C GLY E 51 -14.30 -23.99 -37.03
N GLU E 52 -14.24 -22.70 -37.35
CA GLU E 52 -13.03 -21.93 -37.11
C GLU E 52 -13.31 -20.68 -36.27
N PHE E 53 -12.28 -20.24 -35.55
CA PHE E 53 -12.30 -18.94 -34.90
C PHE E 53 -12.05 -17.81 -35.90
N LYS E 54 -13.06 -16.94 -36.03
CA LYS E 54 -12.98 -15.72 -36.82
C LYS E 54 -13.40 -14.51 -35.97
N GLU E 55 -12.69 -13.38 -36.14
CA GLU E 55 -13.13 -12.11 -35.55
C GLU E 55 -14.32 -11.59 -36.33
N LEU E 56 -15.35 -11.13 -35.60
CA LEU E 56 -16.59 -10.65 -36.17
C LEU E 56 -17.05 -9.39 -35.44
N LYS E 57 -17.65 -8.46 -36.19
CA LYS E 57 -18.10 -7.20 -35.66
C LYS E 57 -19.33 -6.86 -36.44
N LEU E 58 -20.24 -6.10 -35.82
CA LEU E 58 -21.49 -5.65 -36.44
C LEU E 58 -21.30 -4.97 -37.80
N THR E 59 -20.30 -4.11 -37.89
CA THR E 59 -20.02 -3.39 -39.15
C THR E 59 -19.68 -4.29 -40.35
N ASP E 60 -19.26 -5.53 -40.10
CA ASP E 60 -19.06 -6.51 -41.19
C ASP E 60 -20.34 -6.74 -41.99
N TYR E 61 -21.48 -6.43 -41.36
CA TYR E 61 -22.79 -6.72 -41.95
C TYR E 61 -23.43 -5.47 -42.58
N ARG E 62 -22.79 -4.32 -42.40
CA ARG E 62 -23.23 -3.14 -43.10
C ARG E 62 -23.47 -3.43 -44.60
N GLY E 63 -24.63 -3.02 -45.13
CA GLY E 63 -25.04 -3.30 -46.52
C GLY E 63 -25.98 -4.49 -46.60
N LYS E 64 -26.05 -5.24 -45.51
CA LYS E 64 -26.92 -6.38 -45.40
C LYS E 64 -27.81 -6.16 -44.17
N TYR E 65 -29.02 -6.72 -44.24
CA TYR E 65 -29.85 -6.86 -43.03
C TYR E 65 -29.31 -7.97 -42.15
N LEU E 66 -29.33 -7.75 -40.84
CA LEU E 66 -28.87 -8.78 -39.91
C LEU E 66 -29.93 -9.20 -38.85
N VAL E 67 -30.15 -10.51 -38.75
CA VAL E 67 -30.83 -11.09 -37.60
C VAL E 67 -29.77 -11.50 -36.60
N PHE E 68 -29.67 -10.74 -35.52
CA PHE E 68 -28.72 -10.96 -34.45
C PHE E 68 -29.53 -11.46 -33.23
N PHE E 69 -29.34 -12.71 -32.81
CA PHE E 69 -30.11 -13.22 -31.67
C PHE E 69 -29.25 -13.87 -30.59
N PHE E 70 -29.74 -13.77 -29.37
CA PHE E 70 -29.09 -14.31 -28.22
C PHE E 70 -29.88 -15.52 -27.73
N TYR E 71 -29.13 -16.52 -27.25
CA TYR E 71 -29.71 -17.69 -26.56
C TYR E 71 -28.90 -17.83 -25.26
N PRO E 72 -29.48 -18.51 -24.25
CA PRO E 72 -28.86 -18.57 -22.90
C PRO E 72 -27.48 -19.28 -22.82
N LEU E 73 -27.43 -20.59 -23.12
CA LEU E 73 -26.22 -21.38 -22.83
C LEU E 73 -26.04 -22.60 -23.74
N ASP E 74 -24.79 -22.93 -24.06
CA ASP E 74 -24.42 -24.14 -24.79
C ASP E 74 -24.42 -25.29 -23.80
N PHE E 75 -24.65 -26.50 -24.32
CA PHE E 75 -24.58 -27.74 -23.52
C PHE E 75 -25.68 -27.89 -22.44
N THR E 76 -26.83 -27.25 -22.61
CA THR E 76 -27.92 -27.54 -21.68
C THR E 76 -28.58 -28.85 -22.12
N PHE E 77 -29.61 -29.27 -21.39
CA PHE E 77 -30.30 -30.51 -21.68
C PHE E 77 -31.51 -30.26 -22.60
N VAL E 78 -31.69 -29.01 -23.01
CA VAL E 78 -32.73 -28.61 -23.97
C VAL E 78 -32.14 -28.63 -25.39
N CYS E 79 -32.82 -29.31 -26.30
CA CYS E 79 -32.44 -29.32 -27.71
C CYS E 79 -32.40 -27.90 -28.30
N PRO E 80 -31.34 -27.58 -29.07
CA PRO E 80 -31.15 -26.23 -29.61
C PRO E 80 -31.92 -25.98 -30.92
N THR E 81 -33.22 -26.20 -30.89
CA THR E 81 -34.04 -26.22 -32.11
C THR E 81 -33.98 -24.92 -32.91
N GLU E 82 -33.91 -23.79 -32.20
CA GLU E 82 -33.86 -22.46 -32.83
C GLU E 82 -32.66 -22.28 -33.73
N ILE E 83 -31.50 -22.57 -33.17
CA ILE E 83 -30.25 -22.38 -33.88
C ILE E 83 -30.28 -23.29 -35.10
N ILE E 84 -30.66 -24.55 -34.86
CA ILE E 84 -30.84 -25.50 -35.93
C ILE E 84 -31.84 -24.99 -36.97
N ALA E 85 -33.02 -24.54 -36.52
CA ALA E 85 -34.04 -24.04 -37.43
C ALA E 85 -33.55 -22.88 -38.30
N PHE E 86 -32.91 -21.87 -37.69
CA PHE E 86 -32.36 -20.75 -38.49
C PHE E 86 -31.29 -21.27 -39.45
N GLY E 87 -30.49 -22.24 -38.99
CA GLY E 87 -29.46 -22.87 -39.81
C GLY E 87 -30.01 -23.57 -41.05
N ASP E 88 -31.07 -24.35 -40.86
CA ASP E 88 -31.68 -25.09 -41.95
C ASP E 88 -32.21 -24.14 -43.01
N ARG E 89 -32.76 -23.01 -42.58
CA ARG E 89 -33.48 -22.12 -43.48
C ARG E 89 -32.69 -20.86 -43.83
N LEU E 90 -31.37 -20.93 -43.67
CA LEU E 90 -30.48 -19.81 -43.94
C LEU E 90 -30.60 -19.24 -45.36
N GLU E 91 -30.87 -20.08 -46.36
CA GLU E 91 -30.96 -19.56 -47.73
C GLU E 91 -32.14 -18.61 -47.96
N GLU E 92 -33.23 -18.81 -47.22
CA GLU E 92 -34.37 -17.89 -47.25
C GLU E 92 -33.98 -16.48 -46.74
N PHE E 93 -32.95 -16.41 -45.89
CA PHE E 93 -32.45 -15.12 -45.43
C PHE E 93 -31.43 -14.59 -46.45
N ARG E 94 -30.58 -15.48 -46.93
CA ARG E 94 -29.56 -15.06 -47.89
C ARG E 94 -30.18 -14.62 -49.21
N SER E 95 -31.36 -15.16 -49.54
CA SER E 95 -32.04 -14.74 -50.77
C SER E 95 -32.70 -13.37 -50.62
N ILE E 96 -32.72 -12.84 -49.40
CA ILE E 96 -33.22 -11.49 -49.20
C ILE E 96 -32.16 -10.62 -48.54
N ASN E 97 -30.91 -10.90 -48.89
CA ASN E 97 -29.83 -10.02 -48.47
C ASN E 97 -29.83 -9.88 -46.94
N THR E 98 -29.93 -11.01 -46.25
CA THR E 98 -29.97 -11.01 -44.81
C THR E 98 -29.08 -12.10 -44.28
N GLU E 99 -28.26 -11.74 -43.29
CA GLU E 99 -27.47 -12.71 -42.54
C GLU E 99 -28.03 -12.99 -41.12
N VAL E 100 -27.63 -14.12 -40.54
CA VAL E 100 -28.04 -14.48 -39.19
C VAL E 100 -26.84 -14.77 -38.29
N VAL E 101 -26.77 -14.10 -37.14
CA VAL E 101 -25.74 -14.38 -36.13
C VAL E 101 -26.37 -14.71 -34.77
N ALA E 102 -25.99 -15.86 -34.20
CA ALA E 102 -26.37 -16.27 -32.85
C ALA E 102 -25.28 -15.95 -31.85
N CYS E 103 -25.68 -15.58 -30.62
CA CYS E 103 -24.74 -15.21 -29.54
C CYS E 103 -25.16 -15.79 -28.15
N SER E 104 -24.21 -16.34 -27.41
CA SER E 104 -24.40 -16.56 -25.97
C SER E 104 -23.14 -16.06 -25.29
N VAL E 105 -23.21 -16.02 -23.97
CA VAL E 105 -22.07 -15.58 -23.15
C VAL E 105 -20.97 -16.62 -23.05
N ASP E 106 -21.20 -17.81 -23.59
CA ASP E 106 -20.16 -18.87 -23.60
C ASP E 106 -18.90 -18.45 -24.39
N SER E 107 -17.77 -19.07 -24.08
CA SER E 107 -16.53 -18.75 -24.77
C SER E 107 -16.61 -19.34 -26.15
N GLN E 108 -15.77 -18.83 -27.05
CA GLN E 108 -15.64 -19.39 -28.39
C GLN E 108 -15.23 -20.86 -28.34
N PHE E 109 -14.39 -21.22 -27.39
CA PHE E 109 -13.98 -22.61 -27.20
C PHE E 109 -15.17 -23.51 -26.87
N THR E 110 -16.10 -23.03 -26.03
CA THR E 110 -17.28 -23.83 -25.73
C THR E 110 -18.11 -23.96 -27.00
N HIS E 111 -18.33 -22.86 -27.70
CA HIS E 111 -19.08 -22.92 -28.93
C HIS E 111 -18.53 -24.02 -29.83
N LEU E 112 -17.20 -23.99 -30.07
CA LEU E 112 -16.54 -25.01 -30.93
C LEU E 112 -16.76 -26.42 -30.43
N ALA E 113 -16.48 -26.64 -29.15
CA ALA E 113 -16.78 -27.92 -28.51
C ALA E 113 -18.26 -28.32 -28.66
N TRP E 114 -19.18 -27.37 -28.57
CA TRP E 114 -20.61 -27.70 -28.68
C TRP E 114 -20.94 -28.14 -30.12
N ILE E 115 -20.37 -27.40 -31.06
CA ILE E 115 -20.53 -27.68 -32.48
C ILE E 115 -19.95 -29.06 -32.84
N ASN E 116 -18.73 -29.34 -32.35
CA ASN E 116 -18.06 -30.64 -32.61
C ASN E 116 -18.66 -31.83 -31.84
N THR E 117 -19.65 -31.57 -30.98
CA THR E 117 -20.36 -32.63 -30.29
C THR E 117 -21.60 -32.98 -31.12
N PRO E 118 -21.80 -34.28 -31.43
CA PRO E 118 -22.94 -34.71 -32.27
C PRO E 118 -24.28 -34.51 -31.58
N ARG E 119 -25.28 -34.16 -32.36
CA ARG E 119 -26.65 -33.97 -31.86
C ARG E 119 -27.13 -35.17 -31.05
N ARG E 120 -26.76 -36.38 -31.50
CA ARG E 120 -27.00 -37.62 -30.75
C ARG E 120 -26.63 -37.46 -29.28
N GLN E 121 -25.47 -36.85 -29.02
CA GLN E 121 -24.94 -36.67 -27.65
C GLN E 121 -25.37 -35.35 -26.99
N GLY E 122 -26.30 -34.63 -27.62
CA GLY E 122 -26.80 -33.35 -27.07
C GLY E 122 -26.00 -32.11 -27.49
N GLY E 123 -25.13 -32.27 -28.49
CA GLY E 123 -24.41 -31.15 -29.07
C GLY E 123 -25.21 -30.46 -30.16
N LEU E 124 -24.64 -29.41 -30.71
CA LEU E 124 -25.29 -28.65 -31.78
C LEU E 124 -25.17 -29.38 -33.11
N GLY E 125 -24.07 -30.10 -33.28
CA GLY E 125 -23.70 -30.61 -34.60
C GLY E 125 -23.20 -29.47 -35.46
N PRO E 126 -22.74 -29.75 -36.69
CA PRO E 126 -22.26 -28.71 -37.62
C PRO E 126 -23.34 -27.66 -37.84
N ILE E 127 -22.96 -26.41 -38.04
CA ILE E 127 -23.93 -25.33 -38.16
C ILE E 127 -23.48 -24.29 -39.17
N ARG E 128 -24.43 -23.62 -39.80
CA ARG E 128 -24.15 -22.67 -40.89
C ARG E 128 -24.19 -21.21 -40.43
N ILE E 129 -24.47 -21.01 -39.17
CA ILE E 129 -24.70 -19.70 -38.63
C ILE E 129 -23.55 -19.41 -37.69
N PRO E 130 -22.95 -18.21 -37.78
CA PRO E 130 -21.90 -17.87 -36.81
C PRO E 130 -22.41 -17.92 -35.36
N LEU E 131 -21.58 -18.51 -34.51
CA LEU E 131 -21.80 -18.48 -33.08
C LEU E 131 -20.83 -17.50 -32.42
N LEU E 132 -21.37 -16.35 -32.05
CA LEU E 132 -20.59 -15.28 -31.41
C LEU E 132 -20.50 -15.52 -29.91
N SER E 133 -19.32 -15.30 -29.38
CA SER E 133 -19.08 -15.42 -27.99
C SER E 133 -19.12 -14.07 -27.25
N ASP E 134 -19.92 -13.98 -26.18
CA ASP E 134 -19.96 -12.74 -25.40
C ASP E 134 -19.43 -12.97 -23.99
N LEU E 135 -18.22 -13.51 -23.92
CA LEU E 135 -17.54 -13.83 -22.68
C LEU E 135 -17.49 -12.68 -21.68
N THR E 136 -17.17 -11.47 -22.14
CA THR E 136 -17.05 -10.35 -21.21
C THR E 136 -18.44 -9.89 -20.73
N HIS E 137 -19.49 -10.38 -21.37
CA HIS E 137 -20.86 -9.95 -21.10
C HIS E 137 -21.17 -8.54 -21.57
N GLN E 138 -20.23 -7.84 -22.19
CA GLN E 138 -20.54 -6.44 -22.55
C GLN E 138 -21.56 -6.33 -23.68
N ILE E 139 -21.51 -7.24 -24.63
CA ILE E 139 -22.45 -7.19 -25.74
C ILE E 139 -23.88 -7.36 -25.23
N SER E 140 -24.08 -8.37 -24.39
CA SER E 140 -25.34 -8.65 -23.72
C SER E 140 -25.92 -7.47 -22.95
N LYS E 141 -25.12 -6.83 -22.11
CA LYS E 141 -25.53 -5.60 -21.42
C LYS E 141 -25.96 -4.48 -22.38
N ASP E 142 -25.19 -4.29 -23.47
CA ASP E 142 -25.44 -3.21 -24.41
C ASP E 142 -26.71 -3.50 -25.12
N TYR E 143 -27.08 -4.78 -25.24
CA TYR E 143 -28.36 -5.09 -25.86
C TYR E 143 -29.52 -5.30 -24.85
N GLY E 144 -29.27 -5.06 -23.57
CA GLY E 144 -30.30 -5.18 -22.52
C GLY E 144 -30.92 -6.57 -22.46
N VAL E 145 -30.10 -7.62 -22.56
CA VAL E 145 -30.59 -9.00 -22.57
C VAL E 145 -29.87 -9.80 -21.53
N TYR E 146 -28.98 -9.14 -20.80
CA TYR E 146 -28.21 -9.81 -19.81
C TYR E 146 -29.00 -9.98 -18.51
N LEU E 147 -28.89 -11.15 -17.87
CA LEU E 147 -29.56 -11.45 -16.59
C LEU E 147 -28.52 -11.47 -15.49
N GLU E 148 -28.42 -10.37 -14.75
CA GLU E 148 -27.39 -10.20 -13.71
C GLU E 148 -27.38 -11.32 -12.66
N ASP E 149 -28.55 -11.89 -12.42
CA ASP E 149 -28.75 -12.95 -11.45
C ASP E 149 -28.19 -14.27 -11.97
N SER E 150 -28.36 -14.51 -13.26
CA SER E 150 -27.95 -15.79 -13.82
C SER E 150 -26.57 -15.76 -14.46
N GLY E 151 -26.14 -14.59 -14.91
CA GLY E 151 -24.89 -14.47 -15.66
C GLY E 151 -24.97 -15.00 -17.08
N HIS E 152 -26.17 -15.12 -17.62
CA HIS E 152 -26.32 -15.37 -19.05
C HIS E 152 -27.48 -14.52 -19.55
N THR E 153 -27.91 -14.73 -20.80
CA THR E 153 -28.92 -13.88 -21.35
C THR E 153 -30.28 -14.56 -21.34
N LEU E 154 -31.30 -13.79 -21.68
CA LEU E 154 -32.59 -14.39 -22.00
C LEU E 154 -32.61 -14.53 -23.50
N ARG E 155 -33.76 -14.89 -24.07
CA ARG E 155 -33.88 -15.03 -25.49
C ARG E 155 -34.24 -13.70 -26.11
N GLY E 156 -33.23 -13.05 -26.69
CA GLY E 156 -33.42 -11.77 -27.33
C GLY E 156 -33.05 -11.87 -28.80
N LEU E 157 -33.80 -11.16 -29.64
CA LEU E 157 -33.62 -11.18 -31.08
C LEU E 157 -33.73 -9.75 -31.57
N PHE E 158 -32.85 -9.39 -32.51
CA PHE E 158 -32.79 -8.06 -33.07
C PHE E 158 -32.69 -8.05 -34.60
N ILE E 159 -33.44 -7.15 -35.21
CA ILE E 159 -33.39 -7.00 -36.64
C ILE E 159 -32.78 -5.64 -36.89
N ILE E 160 -31.60 -5.69 -37.50
CA ILE E 160 -30.80 -4.52 -37.80
C ILE E 160 -30.79 -4.38 -39.32
N ASP E 161 -30.99 -3.18 -39.85
CA ASP E 161 -31.03 -2.99 -41.29
C ASP E 161 -29.63 -2.88 -41.97
N ASP E 162 -29.64 -2.65 -43.27
CA ASP E 162 -28.41 -2.62 -44.08
C ASP E 162 -27.59 -1.39 -43.77
N LYS E 163 -28.22 -0.40 -43.10
CA LYS E 163 -27.52 0.82 -42.71
C LYS E 163 -27.06 0.82 -41.27
N GLY E 164 -27.18 -0.33 -40.63
CA GLY E 164 -26.81 -0.47 -39.22
C GLY E 164 -27.87 0.02 -38.23
N ILE E 165 -29.10 0.31 -38.69
CA ILE E 165 -30.16 0.85 -37.82
C ILE E 165 -31.04 -0.23 -37.16
N LEU E 166 -31.22 -0.16 -35.84
CA LEU E 166 -32.08 -1.15 -35.17
C LEU E 166 -33.53 -0.94 -35.59
N ARG E 167 -34.16 -1.99 -36.14
CA ARG E 167 -35.55 -1.90 -36.63
C ARG E 167 -36.58 -2.67 -35.77
N GLN E 168 -36.13 -3.61 -34.94
CA GLN E 168 -37.03 -4.53 -34.29
C GLN E 168 -36.30 -5.14 -33.08
N ILE E 169 -37.03 -5.27 -31.97
CA ILE E 169 -36.50 -5.89 -30.76
C ILE E 169 -37.51 -6.89 -30.25
N THR E 170 -37.06 -8.14 -30.08
CA THR E 170 -37.87 -9.20 -29.54
C THR E 170 -37.21 -9.86 -28.36
N LEU E 171 -37.83 -9.72 -27.18
CA LEU E 171 -37.31 -10.27 -25.92
C LEU E 171 -38.33 -11.25 -25.36
N ASN E 172 -37.86 -12.47 -25.13
CA ASN E 172 -38.65 -13.57 -24.64
C ASN E 172 -38.05 -14.02 -23.34
N ASP E 173 -38.93 -14.29 -22.38
CA ASP E 173 -38.58 -15.02 -21.16
C ASP E 173 -38.09 -16.40 -21.56
N LEU E 174 -37.17 -16.95 -20.78
CA LEU E 174 -36.34 -18.11 -21.18
C LEU E 174 -37.01 -19.31 -21.85
N PRO E 175 -38.19 -19.71 -21.34
CA PRO E 175 -38.68 -20.99 -21.87
C PRO E 175 -39.32 -20.91 -23.24
N VAL E 176 -39.42 -19.71 -23.83
CA VAL E 176 -40.14 -19.56 -25.09
C VAL E 176 -39.20 -19.13 -26.24
N GLY E 177 -39.16 -19.95 -27.29
CA GLY E 177 -38.26 -19.72 -28.40
C GLY E 177 -38.87 -18.82 -29.47
N ARG E 178 -38.19 -18.79 -30.62
CA ARG E 178 -38.49 -17.86 -31.67
C ARG E 178 -38.88 -18.55 -32.99
N SER E 179 -39.68 -17.83 -33.78
CA SER E 179 -40.20 -18.33 -35.03
C SER E 179 -39.34 -17.77 -36.18
N VAL E 180 -38.74 -18.68 -36.96
CA VAL E 180 -38.04 -18.32 -38.19
C VAL E 180 -39.03 -17.68 -39.17
N ASP E 181 -40.23 -18.26 -39.23
CA ASP E 181 -41.33 -17.71 -40.05
C ASP E 181 -41.66 -16.27 -39.70
N GLU E 182 -41.75 -15.98 -38.40
CA GLU E 182 -42.09 -14.64 -37.93
C GLU E 182 -40.91 -13.69 -38.15
N THR E 183 -39.69 -14.15 -37.94
CA THR E 183 -38.48 -13.33 -38.24
C THR E 183 -38.46 -12.96 -39.73
N LEU E 184 -38.77 -13.92 -40.59
CA LEU E 184 -38.86 -13.72 -42.06
C LEU E 184 -39.91 -12.67 -42.41
N ARG E 185 -41.10 -12.83 -41.85
CA ARG E 185 -42.18 -11.89 -42.05
C ARG E 185 -41.66 -10.51 -41.72
N LEU E 186 -40.98 -10.38 -40.58
CA LEU E 186 -40.53 -9.06 -40.14
C LEU E 186 -39.45 -8.49 -41.09
N VAL E 187 -38.46 -9.30 -41.44
CA VAL E 187 -37.41 -8.82 -42.35
C VAL E 187 -38.01 -8.38 -43.69
N GLN E 188 -38.90 -9.21 -44.25
CA GLN E 188 -39.54 -8.91 -45.53
C GLN E 188 -40.32 -7.63 -45.42
N ALA E 189 -41.00 -7.43 -44.30
CA ALA E 189 -41.79 -6.22 -44.09
C ALA E 189 -40.98 -4.93 -44.05
N PHE E 190 -39.84 -4.93 -43.34
CA PHE E 190 -39.00 -3.73 -43.25
C PHE E 190 -38.37 -3.40 -44.62
N GLN E 191 -38.05 -4.43 -45.38
CA GLN E 191 -37.42 -4.23 -46.69
C GLN E 191 -38.46 -3.68 -47.66
N TYR E 192 -39.70 -4.17 -47.54
CA TYR E 192 -40.80 -3.65 -48.34
C TYR E 192 -40.99 -2.18 -48.03
N THR E 193 -40.95 -1.85 -46.74
CA THR E 193 -41.11 -0.48 -46.26
C THR E 193 -39.97 0.42 -46.73
N ASP E 194 -38.77 -0.14 -46.79
CA ASP E 194 -37.60 0.58 -47.28
C ASP E 194 -37.80 1.04 -48.73
N LYS E 195 -38.25 0.11 -49.59
CA LYS E 195 -38.47 0.41 -51.02
C LYS E 195 -39.74 1.26 -51.23
N HIS E 196 -40.89 0.74 -50.80
CA HIS E 196 -42.18 1.44 -50.98
C HIS E 196 -42.66 2.06 -49.65
N GLY E 197 -42.28 3.30 -49.40
CA GLY E 197 -42.67 3.99 -48.15
C GLY E 197 -42.73 5.50 -48.28
C1 COM F . 13.58 43.97 37.71
C2 COM F . 15.07 43.60 37.79
S1 COM F . 13.02 43.78 36.01
S2 COM F . 15.96 45.04 38.04
O1S COM F . 15.21 46.05 38.75
O2S COM F . 17.31 44.81 38.51
O3S COM F . 16.26 45.80 36.54
C1 COM G . 32.64 5.75 20.05
C1 COM G . 30.83 9.46 16.02
C2 COM G . 33.71 6.62 19.39
C2 COM G . 30.17 10.83 15.94
S1 COM G . 31.18 5.63 19.01
S1 COM G . 31.44 9.26 17.68
S2 COM G . 34.57 7.48 20.59
S2 COM G . 31.19 11.90 15.10
O1S COM G . 34.42 6.93 21.93
O1S COM G . 32.56 11.44 15.01
O2S COM G . 35.93 7.78 20.19
O2S COM G . 30.62 12.38 13.88
O3S COM G . 33.96 9.06 20.78
O3S COM G . 31.38 13.36 15.98
C1 COM H . 20.35 -20.53 9.78
C2 COM H . 20.96 -21.79 10.40
S1 COM H . 20.53 -19.14 10.91
S2 COM H . 19.80 -23.04 10.50
O1S COM H . 19.14 -23.35 9.25
O2S COM H . 20.27 -24.19 11.24
O3S COM H . 18.47 -22.56 11.46
C1 COM I . -3.60 -34.69 -22.47
C1 COM I . -3.66 -33.35 -26.06
C2 COM I . -2.41 -35.38 -23.15
C2 COM I . -2.30 -34.07 -25.97
S1 COM I . -4.16 -33.37 -23.54
S1 COM I . -4.26 -32.84 -24.44
S2 COM I . -2.43 -37.05 -22.82
S2 COM I . -1.12 -33.40 -27.01
O1S COM I . -2.96 -37.85 -23.90
O1S COM I . -0.57 -32.13 -26.58
O2S COM I . -1.18 -37.49 -22.27
O2S COM I . -0.13 -34.36 -27.44
O3S COM I . -3.50 -37.41 -21.54
O3S COM I . -1.82 -32.95 -28.49
C1 COM J . -34.95 -32.77 -30.76
C1 COM J . -33.31 -34.41 -26.71
C2 COM J . -35.12 -33.40 -32.15
C2 COM J . -34.46 -34.99 -25.86
S1 COM J . -33.20 -32.45 -30.48
S1 COM J . -33.29 -32.62 -26.59
S2 COM J . -34.91 -35.09 -32.08
S2 COM J . -34.66 -36.65 -26.20
O1S COM J . -35.18 -35.68 -30.79
O1S COM J . -35.30 -36.94 -27.45
O2S COM J . -35.52 -35.78 -33.20
O2S COM J . -33.47 -37.43 -25.93
O3S COM J . -33.27 -35.51 -32.27
O3S COM J . -35.77 -37.33 -25.10
#